data_3WUV
#
_entry.id   3WUV
#
_cell.length_a   233.066
_cell.length_b   134.671
_cell.length_c   88.325
_cell.angle_alpha   90.00
_cell.angle_beta   90.02
_cell.angle_gamma   90.00
#
_symmetry.space_group_name_H-M   'C 1 2 1'
#
loop_
_entity.id
_entity.type
_entity.pdbx_description
1 polymer 'Centrosomal protein of 55 kDa'
2 polymer 'peptide from Programmed cell death 6-interacting protein'
3 water water
#
loop_
_entity_poly.entity_id
_entity_poly.type
_entity_poly.pdbx_seq_one_letter_code
_entity_poly.pdbx_strand_id
1 'polypeptide(L)' GAMGSFNSSINNIHEMEIQLKDALEKNQQWLVYDQQREVYVKGLLAKIFELEKKTETAAHSLP A,B,D,E,G,H,J,K,M,N,P,Q
2 'polypeptide(L)' DQAQGPPYPTYIPP C,F,I,L,O,R
#
# COMPACT_ATOMS: atom_id res chain seq x y z
N GLY A 1 51.15 24.00 -12.62
CA GLY A 1 49.90 24.28 -13.28
C GLY A 1 50.01 24.49 -14.78
N ALA A 2 50.68 25.57 -15.18
CA ALA A 2 50.68 26.00 -16.57
C ALA A 2 51.44 25.10 -17.54
N MET A 3 52.53 24.50 -17.07
CA MET A 3 53.48 23.84 -17.94
C MET A 3 52.89 22.69 -18.74
N GLY A 4 52.05 21.88 -18.12
CA GLY A 4 51.55 22.13 -16.80
C GLY A 4 50.51 21.10 -16.48
N SER A 5 49.76 21.35 -15.43
CA SER A 5 48.69 20.47 -15.11
C SER A 5 47.85 20.53 -16.33
N PHE A 6 47.74 21.71 -16.90
CA PHE A 6 46.78 21.90 -17.94
C PHE A 6 47.12 20.94 -19.04
N ASN A 7 48.39 20.82 -19.34
CA ASN A 7 48.73 20.00 -20.47
C ASN A 7 48.30 18.58 -20.22
N SER A 8 48.58 18.09 -19.03
CA SER A 8 48.24 16.73 -18.70
C SER A 8 46.75 16.61 -18.77
N SER A 9 46.06 17.64 -18.33
CA SER A 9 44.63 17.55 -18.34
C SER A 9 44.13 17.41 -19.76
N ILE A 10 44.77 18.08 -20.69
CA ILE A 10 44.35 18.04 -22.08
C ILE A 10 44.52 16.64 -22.66
N ASN A 11 45.69 16.08 -22.46
CA ASN A 11 45.98 14.70 -22.84
C ASN A 11 44.96 13.74 -22.24
N ASN A 12 44.64 13.98 -20.98
CA ASN A 12 43.69 13.16 -20.25
C ASN A 12 42.31 13.18 -20.90
N ILE A 13 41.97 14.32 -21.52
CA ILE A 13 40.73 14.45 -22.26
C ILE A 13 40.84 13.72 -23.60
N HIS A 14 42.05 13.71 -24.16
CA HIS A 14 42.29 13.02 -25.42
C HIS A 14 42.14 11.51 -25.26
N GLU A 15 42.61 10.99 -24.13
CA GLU A 15 42.44 9.57 -23.83
C GLU A 15 40.97 9.23 -23.70
N MET A 16 40.23 10.15 -23.08
CA MET A 16 38.80 10.00 -22.91
C MET A 16 38.09 9.89 -24.25
N GLU A 17 38.57 10.68 -25.22
CA GLU A 17 37.97 10.69 -26.55
C GLU A 17 38.26 9.41 -27.32
N ILE A 18 39.49 8.91 -27.26
CA ILE A 18 39.81 7.68 -27.96
C ILE A 18 39.14 6.49 -27.28
N GLN A 19 38.93 6.62 -25.97
CA GLN A 19 38.24 5.60 -25.19
C GLN A 19 36.77 5.54 -25.56
N LEU A 20 36.20 6.69 -25.89
CA LEU A 20 34.82 6.78 -26.35
C LEU A 20 34.67 6.11 -27.72
N LYS A 21 35.59 6.44 -28.62
CA LYS A 21 35.58 5.89 -29.97
C LYS A 21 35.76 4.37 -29.94
N ASP A 22 36.63 3.89 -29.04
CA ASP A 22 36.86 2.46 -28.89
C ASP A 22 35.59 1.74 -28.46
N ALA A 23 34.95 2.26 -27.40
CA ALA A 23 33.72 1.67 -26.87
C ALA A 23 32.61 1.63 -27.91
N LEU A 24 32.47 2.71 -28.66
CA LEU A 24 31.46 2.79 -29.72
C LEU A 24 31.72 1.76 -30.83
N GLU A 25 32.99 1.47 -31.08
CA GLU A 25 33.34 0.45 -32.05
C GLU A 25 33.00 -0.94 -31.55
N LYS A 26 33.41 -1.23 -30.31
CA LYS A 26 33.20 -2.53 -29.71
C LYS A 26 31.71 -2.86 -29.55
N ASN A 27 30.91 -1.83 -29.28
CA ASN A 27 29.46 -2.00 -29.20
C ASN A 27 28.86 -2.32 -30.56
N GLN A 28 29.42 -1.72 -31.61
CA GLN A 28 28.95 -1.99 -32.97
C GLN A 28 29.32 -3.41 -33.39
N GLN A 29 30.50 -3.85 -32.99
CA GLN A 29 30.94 -5.22 -33.26
C GLN A 29 29.99 -6.20 -32.59
N TRP A 30 29.59 -5.89 -31.37
CA TRP A 30 28.64 -6.71 -30.63
C TRP A 30 27.30 -6.81 -31.35
N LEU A 31 26.86 -5.70 -31.92
CA LEU A 31 25.59 -5.67 -32.64
C LEU A 31 25.60 -6.65 -33.81
N VAL A 32 26.63 -6.59 -34.63
CA VAL A 32 26.77 -7.47 -35.79
C VAL A 32 26.93 -8.92 -35.33
N TYR A 33 27.84 -9.13 -34.37
CA TYR A 33 28.06 -10.44 -33.77
C TYR A 33 26.77 -11.05 -33.26
N ASP A 34 25.90 -10.21 -32.69
CA ASP A 34 24.62 -10.66 -32.16
C ASP A 34 23.60 -10.95 -33.27
N GLN A 35 23.59 -10.11 -34.30
CA GLN A 35 22.70 -10.30 -35.43
C GLN A 35 22.92 -11.66 -36.08
N GLN A 36 24.19 -12.06 -36.17
CA GLN A 36 24.54 -13.34 -36.74
C GLN A 36 24.11 -14.50 -35.85
N ARG A 37 24.23 -14.32 -34.54
CA ARG A 37 23.76 -15.35 -33.60
C ARG A 37 22.25 -15.51 -33.70
N GLU A 38 21.56 -14.42 -34.03
CA GLU A 38 20.12 -14.47 -34.23
C GLU A 38 19.75 -15.27 -35.47
N VAL A 39 20.56 -15.13 -36.52
CA VAL A 39 20.40 -15.93 -37.73
C VAL A 39 20.54 -17.42 -37.40
N TYR A 40 21.56 -17.74 -36.59
CA TYR A 40 21.75 -19.10 -36.13
C TYR A 40 20.56 -19.58 -35.30
N VAL A 41 20.11 -18.73 -34.38
CA VAL A 41 18.99 -19.07 -33.52
C VAL A 41 17.74 -19.39 -34.34
N LYS A 42 17.40 -18.51 -35.28
CA LYS A 42 16.23 -18.71 -36.12
C LYS A 42 16.31 -20.01 -36.91
N GLY A 43 17.52 -20.36 -37.37
CA GLY A 43 17.76 -21.62 -38.04
C GLY A 43 17.53 -22.78 -37.10
N LEU A 44 18.05 -22.65 -35.89
CA LEU A 44 17.87 -23.66 -34.84
C LEU A 44 16.38 -23.91 -34.57
N LEU A 45 15.60 -22.83 -34.55
CA LEU A 45 14.17 -22.93 -34.31
C LEU A 45 13.42 -23.55 -35.48
N ALA A 46 13.89 -23.28 -36.69
CA ALA A 46 13.33 -23.90 -37.88
C ALA A 46 13.58 -25.40 -37.82
N LYS A 47 14.78 -25.75 -37.39
CA LYS A 47 15.18 -27.15 -37.27
C LYS A 47 14.32 -27.89 -36.27
N ILE A 48 14.13 -27.27 -35.10
CA ILE A 48 13.31 -27.85 -34.04
C ILE A 48 11.87 -28.08 -34.50
N PHE A 49 11.33 -27.08 -35.21
CA PHE A 49 9.98 -27.19 -35.75
C PHE A 49 9.83 -28.42 -36.64
N GLU A 50 10.76 -28.57 -37.58
CA GLU A 50 10.76 -29.71 -38.50
C GLU A 50 10.91 -31.02 -37.74
N LEU A 51 11.88 -31.07 -36.84
CA LEU A 51 12.15 -32.23 -36.01
C LEU A 51 10.92 -32.63 -35.20
N GLU A 52 10.10 -31.65 -34.84
CA GLU A 52 8.92 -31.89 -34.01
C GLU A 52 7.72 -32.41 -34.82
N LYS A 53 7.88 -32.46 -36.13
CA LYS A 53 6.82 -33.00 -36.97
C LYS A 53 6.94 -34.51 -37.05
N LYS A 54 8.13 -35.01 -36.75
CA LYS A 54 8.38 -36.44 -36.76
C LYS A 54 8.00 -37.03 -35.41
N THR A 55 7.83 -36.15 -34.42
CA THR A 55 7.36 -36.57 -33.11
C THR A 55 5.85 -36.75 -33.14
N GLU A 56 5.22 -36.10 -34.12
CA GLU A 56 3.77 -36.16 -34.27
C GLU A 56 3.31 -37.56 -34.66
N ALA B 2 35.79 37.10 -26.54
CA ALA B 2 34.74 36.08 -26.40
C ALA B 2 35.33 34.69 -26.19
N MET B 3 35.11 34.14 -25.00
CA MET B 3 35.46 32.77 -24.70
C MET B 3 34.24 31.92 -25.01
N GLY B 4 33.21 32.56 -25.54
CA GLY B 4 31.97 31.89 -25.91
C GLY B 4 32.25 30.72 -26.82
N SER B 5 33.28 30.84 -27.64
CA SER B 5 33.73 29.73 -28.47
C SER B 5 34.49 28.69 -27.63
N PHE B 6 35.28 29.17 -26.67
CA PHE B 6 35.98 28.27 -25.77
C PHE B 6 35.02 27.61 -24.80
N ASN B 7 34.07 28.40 -24.28
CA ASN B 7 33.07 27.89 -23.36
C ASN B 7 32.27 26.73 -23.95
N SER B 8 31.80 26.91 -25.18
CA SER B 8 31.03 25.88 -25.86
C SER B 8 31.84 24.60 -26.05
N SER B 9 33.13 24.78 -26.34
CA SER B 9 34.05 23.66 -26.45
C SER B 9 34.11 22.88 -25.13
N ILE B 10 34.03 23.60 -24.01
CA ILE B 10 34.12 22.97 -22.69
C ILE B 10 32.98 21.99 -22.39
N ASN B 11 31.74 22.35 -22.71
CA ASN B 11 30.61 21.43 -22.48
C ASN B 11 30.46 20.34 -23.54
N ASN B 12 30.98 20.58 -24.75
CA ASN B 12 31.06 19.50 -25.73
C ASN B 12 31.91 18.40 -25.13
N ILE B 13 32.98 18.80 -24.46
CA ILE B 13 33.78 17.89 -23.65
C ILE B 13 32.94 17.26 -22.53
N HIS B 14 32.10 18.07 -21.89
CA HIS B 14 31.21 17.56 -20.85
C HIS B 14 30.26 16.51 -21.43
N GLU B 15 29.72 16.82 -22.61
CA GLU B 15 28.85 15.88 -23.31
C GLU B 15 29.61 14.62 -23.73
N MET B 16 30.87 14.79 -24.11
CA MET B 16 31.69 13.69 -24.61
C MET B 16 31.87 12.60 -23.56
N GLU B 17 31.87 13.03 -22.29
CA GLU B 17 32.08 12.18 -21.15
C GLU B 17 30.74 11.70 -20.58
N ILE B 18 29.65 12.30 -21.06
CA ILE B 18 28.33 11.70 -20.90
C ILE B 18 28.24 10.52 -21.87
N GLN B 19 28.38 10.81 -23.15
CA GLN B 19 28.32 9.78 -24.20
C GLN B 19 29.30 8.64 -23.96
N LEU B 20 30.44 8.96 -23.35
CA LEU B 20 31.40 7.93 -22.96
C LEU B 20 30.84 7.04 -21.87
N LYS B 21 30.38 7.67 -20.79
CA LYS B 21 29.78 6.96 -19.67
C LYS B 21 28.64 6.09 -20.15
N ASP B 22 27.88 6.61 -21.11
CA ASP B 22 26.72 5.92 -21.65
C ASP B 22 27.10 4.73 -22.53
N ALA B 23 28.27 4.83 -23.18
CA ALA B 23 28.73 3.76 -24.05
C ALA B 23 29.25 2.58 -23.24
N LEU B 24 29.89 2.88 -22.11
CA LEU B 24 30.45 1.84 -21.27
C LEU B 24 29.35 1.06 -20.55
N GLU B 25 28.32 1.76 -20.11
CA GLU B 25 27.14 1.13 -19.53
C GLU B 25 26.53 0.18 -20.54
N LYS B 26 26.43 0.66 -21.78
CA LYS B 26 25.95 -0.15 -22.89
C LYS B 26 26.83 -1.38 -23.09
N ASN B 27 28.14 -1.14 -23.20
CA ASN B 27 29.11 -2.20 -23.40
C ASN B 27 29.02 -3.25 -22.31
N GLN B 28 28.70 -2.80 -21.10
CA GLN B 28 28.46 -3.71 -20.01
C GLN B 28 27.20 -4.52 -20.25
N GLN B 29 26.17 -3.88 -20.80
CA GLN B 29 24.91 -4.55 -21.11
C GLN B 29 25.10 -5.65 -22.16
N TRP B 30 25.98 -5.41 -23.12
CA TRP B 30 26.29 -6.41 -24.14
C TRP B 30 26.86 -7.67 -23.51
N LEU B 31 27.78 -7.49 -22.57
CA LEU B 31 28.45 -8.60 -21.91
C LEU B 31 27.49 -9.53 -21.16
N VAL B 32 26.52 -8.95 -20.45
CA VAL B 32 25.51 -9.77 -19.77
C VAL B 32 24.55 -10.40 -20.78
N TYR B 33 24.19 -9.64 -21.81
CA TYR B 33 23.31 -10.13 -22.86
C TYR B 33 23.93 -11.31 -23.61
N ASP B 34 25.24 -11.23 -23.84
CA ASP B 34 25.98 -12.30 -24.50
C ASP B 34 25.88 -13.59 -23.68
N GLN B 35 26.07 -13.44 -22.37
CA GLN B 35 26.03 -14.54 -21.44
C GLN B 35 24.66 -15.20 -21.40
N GLN B 36 23.61 -14.38 -21.54
CA GLN B 36 22.25 -14.90 -21.50
C GLN B 36 21.88 -15.57 -22.82
N ARG B 37 22.37 -15.04 -23.94
CA ARG B 37 22.05 -15.61 -25.24
C ARG B 37 22.74 -16.94 -25.51
N GLU B 38 23.96 -17.09 -25.01
CA GLU B 38 24.67 -18.35 -25.15
C GLU B 38 23.96 -19.47 -24.41
N VAL B 39 23.41 -19.15 -23.24
CA VAL B 39 22.58 -20.09 -22.49
C VAL B 39 21.39 -20.51 -23.34
N TYR B 40 20.82 -19.53 -24.05
CA TYR B 40 19.66 -19.77 -24.89
C TYR B 40 19.99 -20.72 -26.05
N VAL B 41 21.07 -20.41 -26.76
CA VAL B 41 21.51 -21.22 -27.88
C VAL B 41 21.78 -22.66 -27.45
N LYS B 42 22.43 -22.83 -26.31
CA LYS B 42 22.76 -24.15 -25.80
C LYS B 42 21.52 -24.95 -25.44
N GLY B 43 20.52 -24.27 -24.91
CA GLY B 43 19.25 -24.91 -24.59
C GLY B 43 18.54 -25.35 -25.84
N LEU B 44 18.61 -24.53 -26.88
CA LEU B 44 18.04 -24.85 -28.18
C LEU B 44 18.77 -26.05 -28.78
N LEU B 45 20.10 -26.05 -28.65
CA LEU B 45 20.92 -27.18 -29.09
C LEU B 45 20.54 -28.45 -28.34
N ALA B 46 20.31 -28.31 -27.05
CA ALA B 46 19.92 -29.43 -26.21
C ALA B 46 18.57 -29.99 -26.63
N LYS B 47 17.63 -29.09 -26.96
CA LYS B 47 16.33 -29.49 -27.46
C LYS B 47 16.47 -30.35 -28.71
N ILE B 48 17.25 -29.86 -29.67
CA ILE B 48 17.54 -30.58 -30.92
C ILE B 48 18.14 -31.97 -30.65
N PHE B 49 19.22 -31.98 -29.87
CA PHE B 49 19.88 -33.22 -29.45
C PHE B 49 18.87 -34.24 -28.93
N GLU B 50 18.11 -33.82 -27.93
CA GLU B 50 17.05 -34.65 -27.36
C GLU B 50 16.02 -35.03 -28.41
N LEU B 51 15.61 -34.04 -29.21
CA LEU B 51 14.57 -34.26 -30.20
C LEU B 51 15.02 -35.21 -31.30
N GLU B 52 16.32 -35.28 -31.53
CA GLU B 52 16.84 -36.07 -32.64
C GLU B 52 16.54 -37.55 -32.44
N LYS B 53 15.32 -37.92 -32.80
CA LYS B 53 14.83 -39.27 -32.54
C LYS B 53 14.88 -40.15 -33.78
N LYS B 54 15.94 -40.95 -33.83
CA LYS B 54 16.20 -41.87 -34.93
C LYS B 54 16.46 -41.14 -36.26
N THR B 55 16.68 -39.84 -36.18
CA THR B 55 17.05 -39.07 -37.37
C THR B 55 18.53 -38.66 -37.30
N GLU B 56 19.08 -38.65 -36.08
CA GLU B 56 20.52 -38.55 -35.90
C GLU B 56 20.97 -39.17 -34.59
N THR B 57 22.29 -39.24 -34.42
CA THR B 57 22.90 -39.98 -33.33
C THR B 57 24.18 -39.28 -32.88
N ALA B 58 24.34 -39.13 -31.57
CA ALA B 58 25.51 -38.47 -31.03
C ALA B 58 26.24 -39.39 -30.06
N ALA B 59 27.19 -38.81 -29.31
CA ALA B 59 28.02 -39.56 -28.37
C ALA B 59 28.60 -40.81 -29.01
N HIS B 60 29.31 -40.63 -30.12
CA HIS B 60 29.79 -41.77 -30.89
C HIS B 60 31.30 -41.89 -30.93
N SER B 61 31.82 -42.93 -30.29
CA SER B 61 33.24 -43.21 -30.28
C SER B 61 33.77 -43.47 -31.68
N GLN C 2 38.52 -0.48 -20.37
CA GLN C 2 38.20 -1.88 -20.20
C GLN C 2 36.90 -2.26 -20.93
N ALA C 3 36.62 -1.56 -22.02
CA ALA C 3 35.51 -1.96 -22.88
C ALA C 3 35.94 -3.19 -23.67
N GLN C 4 35.01 -4.12 -23.87
CA GLN C 4 35.34 -5.36 -24.56
C GLN C 4 34.44 -5.58 -25.77
N GLY C 5 35.03 -6.07 -26.85
CA GLY C 5 34.26 -6.47 -28.02
C GLY C 5 33.89 -7.93 -27.89
N PRO C 6 33.28 -8.49 -28.96
CA PRO C 6 32.97 -9.92 -29.02
C PRO C 6 34.25 -10.74 -28.96
N PRO C 7 34.13 -12.05 -28.71
CA PRO C 7 35.33 -12.91 -28.73
C PRO C 7 36.05 -12.83 -30.07
N TYR C 8 35.29 -12.73 -31.16
CA TYR C 8 35.85 -12.59 -32.51
C TYR C 8 34.80 -11.93 -33.41
N PRO C 9 35.23 -11.31 -34.52
CA PRO C 9 34.31 -10.55 -35.38
C PRO C 9 33.11 -11.35 -35.92
N THR C 10 33.26 -12.63 -36.20
CA THR C 10 32.14 -13.44 -36.69
C THR C 10 31.67 -14.43 -35.63
N TYR C 11 30.36 -14.64 -35.57
CA TYR C 11 29.80 -15.53 -34.56
C TYR C 11 30.13 -16.99 -34.85
N ILE C 12 30.57 -17.70 -33.82
CA ILE C 12 30.81 -19.13 -33.90
C ILE C 12 30.02 -19.82 -32.79
N PRO C 13 29.03 -20.65 -33.18
CA PRO C 13 28.16 -21.35 -32.22
C PRO C 13 28.94 -22.20 -31.24
N PRO C 14 28.37 -22.48 -30.07
CA PRO C 14 29.02 -23.37 -29.09
C PRO C 14 28.76 -24.84 -29.43
N PHE D 6 7.85 -39.29 13.91
CA PHE D 6 7.13 -40.38 14.58
C PHE D 6 7.96 -41.49 15.24
N ASN D 7 8.96 -42.10 14.59
CA ASN D 7 9.76 -41.58 13.46
C ASN D 7 9.25 -41.61 12.01
N SER D 8 8.09 -42.20 11.76
CA SER D 8 7.56 -42.19 10.40
C SER D 8 7.22 -40.77 9.94
N SER D 9 6.78 -39.95 10.89
CA SER D 9 6.39 -38.57 10.64
C SER D 9 7.59 -37.73 10.23
N ILE D 10 8.78 -38.07 10.76
CA ILE D 10 9.98 -37.34 10.40
C ILE D 10 10.41 -37.60 8.95
N ASN D 11 10.17 -38.82 8.43
CA ASN D 11 10.47 -39.08 7.02
C ASN D 11 9.36 -38.58 6.09
N ASN D 12 8.20 -38.29 6.66
CA ASN D 12 7.22 -37.46 5.99
C ASN D 12 7.87 -36.10 5.84
N ILE D 13 8.38 -35.56 6.94
CA ILE D 13 9.14 -34.31 6.93
C ILE D 13 10.30 -34.32 5.93
N HIS D 14 10.94 -35.49 5.79
CA HIS D 14 12.03 -35.63 4.84
C HIS D 14 11.54 -35.49 3.41
N GLU D 15 10.33 -35.99 3.14
CA GLU D 15 9.72 -35.85 1.82
C GLU D 15 9.38 -34.39 1.53
N MET D 16 9.07 -33.66 2.60
CA MET D 16 8.74 -32.25 2.51
C MET D 16 9.92 -31.47 1.97
N GLU D 17 11.12 -31.88 2.35
CA GLU D 17 12.35 -31.24 1.89
C GLU D 17 12.55 -31.48 0.42
N ILE D 18 12.32 -32.73 0.03
CA ILE D 18 12.42 -33.14 -1.36
C ILE D 18 11.48 -32.32 -2.24
N GLN D 19 10.24 -32.15 -1.80
CA GLN D 19 9.26 -31.38 -2.56
C GLN D 19 9.61 -29.89 -2.60
N LEU D 20 10.08 -29.36 -1.48
CA LEU D 20 10.47 -27.95 -1.42
C LEU D 20 11.60 -27.66 -2.39
N LYS D 21 12.59 -28.54 -2.41
CA LYS D 21 13.73 -28.43 -3.32
C LYS D 21 13.25 -28.47 -4.76
N ASP D 22 12.34 -29.39 -5.04
CA ASP D 22 11.78 -29.55 -6.38
C ASP D 22 11.01 -28.31 -6.81
N ALA D 23 10.15 -27.82 -5.93
CA ALA D 23 9.36 -26.62 -6.20
C ALA D 23 10.26 -25.41 -6.45
N LEU D 24 11.28 -25.24 -5.60
CA LEU D 24 12.24 -24.16 -5.73
C LEU D 24 12.96 -24.21 -7.06
N GLU D 25 13.32 -25.41 -7.48
CA GLU D 25 14.01 -25.61 -8.76
C GLU D 25 13.13 -25.22 -9.93
N LYS D 26 11.89 -25.69 -9.93
CA LYS D 26 10.96 -25.42 -11.01
C LYS D 26 10.62 -23.94 -11.13
N ASN D 27 10.44 -23.29 -9.98
CA ASN D 27 10.21 -21.86 -9.96
C ASN D 27 11.44 -21.10 -10.49
N GLN D 28 12.63 -21.60 -10.17
CA GLN D 28 13.87 -20.97 -10.65
C GLN D 28 14.01 -21.12 -12.16
N GLN D 29 13.51 -22.23 -12.70
CA GLN D 29 13.54 -22.46 -14.14
C GLN D 29 12.52 -21.60 -14.86
N TRP D 30 11.39 -21.35 -14.20
CA TRP D 30 10.34 -20.49 -14.73
C TRP D 30 10.87 -19.09 -15.00
N LEU D 31 11.78 -18.62 -14.16
CA LEU D 31 12.39 -17.31 -14.32
C LEU D 31 13.20 -17.23 -15.61
N VAL D 32 14.08 -18.21 -15.81
CA VAL D 32 14.93 -18.28 -17.00
C VAL D 32 14.08 -18.32 -18.27
N TYR D 33 13.12 -19.23 -18.29
CA TYR D 33 12.19 -19.41 -19.38
C TYR D 33 11.44 -18.12 -19.71
N ASP D 34 10.91 -17.46 -18.68
CA ASP D 34 10.16 -16.22 -18.87
C ASP D 34 11.06 -15.09 -19.37
N GLN D 35 12.27 -15.01 -18.80
CA GLN D 35 13.23 -13.99 -19.22
C GLN D 35 13.58 -14.14 -20.70
N GLN D 36 13.61 -15.38 -21.18
CA GLN D 36 13.86 -15.63 -22.59
C GLN D 36 12.70 -15.16 -23.46
N ARG D 37 11.48 -15.44 -23.03
CA ARG D 37 10.30 -14.96 -23.75
C ARG D 37 10.27 -13.43 -23.82
N GLU D 38 10.74 -12.79 -22.76
CA GLU D 38 10.82 -11.33 -22.73
C GLU D 38 11.71 -10.79 -23.84
N VAL D 39 12.88 -11.41 -24.02
CA VAL D 39 13.79 -11.02 -25.09
C VAL D 39 13.09 -11.19 -26.44
N TYR D 40 12.37 -12.29 -26.60
CA TYR D 40 11.61 -12.58 -27.80
C TYR D 40 10.52 -11.55 -28.02
N VAL D 41 9.75 -11.28 -26.97
CA VAL D 41 8.67 -10.30 -27.01
C VAL D 41 9.21 -8.92 -27.37
N LYS D 42 10.33 -8.56 -26.75
CA LYS D 42 11.01 -7.29 -26.99
C LYS D 42 11.31 -7.13 -28.48
N GLY D 43 11.78 -8.20 -29.10
CA GLY D 43 12.09 -8.20 -30.51
C GLY D 43 10.84 -8.12 -31.36
N LEU D 44 9.78 -8.76 -30.89
CA LEU D 44 8.49 -8.73 -31.57
C LEU D 44 7.92 -7.31 -31.61
N LEU D 45 8.05 -6.62 -30.48
CA LEU D 45 7.61 -5.23 -30.36
C LEU D 45 8.40 -4.30 -31.28
N ALA D 46 9.73 -4.43 -31.22
CA ALA D 46 10.62 -3.66 -32.07
C ALA D 46 10.25 -3.79 -33.54
N LYS D 47 9.72 -4.96 -33.90
CA LYS D 47 9.21 -5.19 -35.24
C LYS D 47 7.96 -4.36 -35.51
N ILE D 48 6.87 -4.65 -34.78
CA ILE D 48 5.62 -3.90 -34.86
C ILE D 48 5.82 -2.39 -34.99
N PHE D 49 6.75 -1.87 -34.20
CA PHE D 49 7.26 -0.52 -34.32
C PHE D 49 7.63 -0.23 -35.78
N GLU D 50 8.51 -1.07 -36.34
CA GLU D 50 9.08 -0.82 -37.65
C GLU D 50 8.01 -0.84 -38.73
N LEU D 51 7.09 -1.78 -38.60
CA LEU D 51 6.03 -1.97 -39.57
C LEU D 51 5.02 -0.82 -39.50
N GLU D 52 4.91 -0.18 -38.35
CA GLU D 52 3.96 0.93 -38.18
C GLU D 52 4.51 2.25 -38.72
N LYS D 53 5.82 2.32 -38.88
CA LYS D 53 6.46 3.43 -39.56
C LYS D 53 6.04 3.39 -41.03
N LYS D 54 6.01 2.17 -41.58
CA LYS D 54 5.65 1.95 -42.98
C LYS D 54 4.17 2.22 -43.25
N THR D 55 3.42 2.61 -42.22
CA THR D 55 2.02 2.98 -42.37
C THR D 55 1.90 4.46 -42.72
N GLY E 1 11.81 -25.50 28.08
CA GLY E 1 12.63 -24.35 28.40
C GLY E 1 14.10 -24.63 28.21
N ALA E 2 14.59 -25.65 28.92
CA ALA E 2 15.99 -26.06 28.80
C ALA E 2 16.26 -26.57 27.38
N MET E 3 15.27 -27.25 26.81
CA MET E 3 15.41 -27.76 25.46
C MET E 3 15.07 -26.73 24.40
N GLY E 4 15.86 -25.66 24.36
CA GLY E 4 15.92 -24.81 23.20
C GLY E 4 16.73 -25.58 22.17
N SER E 5 16.83 -25.06 20.96
CA SER E 5 17.51 -25.77 19.87
C SER E 5 16.86 -27.13 19.59
N PHE E 6 15.64 -27.30 20.09
CA PHE E 6 14.76 -28.40 19.73
C PHE E 6 13.47 -27.75 19.26
N ASN E 7 13.03 -26.75 20.02
CA ASN E 7 11.93 -25.88 19.62
C ASN E 7 12.31 -25.09 18.38
N SER E 8 13.55 -24.61 18.36
CA SER E 8 14.08 -23.91 17.20
C SER E 8 13.96 -24.79 15.97
N SER E 9 14.44 -26.03 16.11
CA SER E 9 14.35 -27.01 15.04
C SER E 9 12.90 -27.26 14.64
N ILE E 10 12.01 -27.35 15.62
CA ILE E 10 10.57 -27.43 15.34
C ILE E 10 10.14 -26.23 14.53
N ASN E 11 10.32 -25.05 15.12
CA ASN E 11 10.03 -23.77 14.46
C ASN E 11 10.47 -23.73 13.00
N ASN E 12 11.69 -24.22 12.76
CA ASN E 12 12.26 -24.30 11.43
C ASN E 12 11.38 -25.13 10.49
N ILE E 13 11.11 -26.37 10.88
CA ILE E 13 10.23 -27.27 10.12
C ILE E 13 8.89 -26.60 9.81
N HIS E 14 8.37 -25.84 10.77
CA HIS E 14 7.16 -25.05 10.55
C HIS E 14 7.42 -23.98 9.49
N GLU E 15 8.50 -23.22 9.66
CA GLU E 15 8.87 -22.20 8.68
C GLU E 15 9.13 -22.83 7.32
N MET E 16 9.58 -24.08 7.37
CA MET E 16 9.85 -24.84 6.16
C MET E 16 8.55 -25.26 5.46
N GLU E 17 7.56 -25.66 6.25
CA GLU E 17 6.25 -26.01 5.72
C GLU E 17 5.63 -24.79 5.06
N ILE E 18 5.88 -23.63 5.67
CA ILE E 18 5.40 -22.36 5.13
C ILE E 18 5.99 -22.08 3.75
N GLN E 19 7.29 -22.31 3.62
CA GLN E 19 8.00 -22.05 2.37
C GLN E 19 7.56 -23.02 1.26
N LEU E 20 7.26 -24.25 1.64
CA LEU E 20 6.75 -25.23 0.69
C LEU E 20 5.40 -24.78 0.16
N LYS E 21 4.52 -24.41 1.07
CA LYS E 21 3.20 -23.92 0.68
C LYS E 21 3.32 -22.66 -0.17
N ASP E 22 4.30 -21.83 0.16
CA ASP E 22 4.55 -20.60 -0.58
C ASP E 22 5.02 -20.91 -2.00
N ALA E 23 6.08 -21.71 -2.09
CA ALA E 23 6.64 -22.10 -3.38
C ALA E 23 5.60 -22.78 -4.25
N LEU E 24 4.75 -23.58 -3.62
CA LEU E 24 3.66 -24.25 -4.32
C LEU E 24 2.66 -23.24 -4.85
N GLU E 25 2.39 -22.22 -4.05
CA GLU E 25 1.41 -21.19 -4.43
C GLU E 25 1.94 -20.33 -5.57
N LYS E 26 3.21 -19.94 -5.47
CA LYS E 26 3.87 -19.17 -6.52
C LYS E 26 3.95 -19.95 -7.83
N ASN E 27 4.26 -21.23 -7.71
CA ASN E 27 4.36 -22.12 -8.87
C ASN E 27 3.09 -22.11 -9.68
N GLN E 28 1.95 -22.22 -8.99
CA GLN E 28 0.64 -22.16 -9.63
C GLN E 28 0.43 -20.80 -10.28
N GLN E 29 0.99 -19.75 -9.66
CA GLN E 29 0.88 -18.41 -10.22
C GLN E 29 1.68 -18.29 -11.52
N TRP E 30 2.89 -18.86 -11.54
CA TRP E 30 3.68 -18.94 -12.76
C TRP E 30 2.88 -19.58 -13.89
N LEU E 31 2.20 -20.68 -13.57
CA LEU E 31 1.38 -21.43 -14.54
C LEU E 31 0.36 -20.54 -15.25
N VAL E 32 -0.53 -19.95 -14.47
CA VAL E 32 -1.61 -19.12 -15.02
C VAL E 32 -1.07 -17.84 -15.67
N TYR E 33 0.03 -17.31 -15.12
CA TYR E 33 0.71 -16.15 -15.69
C TYR E 33 1.29 -16.46 -17.07
N ASP E 34 2.04 -17.56 -17.16
CA ASP E 34 2.63 -18.02 -18.41
C ASP E 34 1.56 -18.15 -19.50
N GLN E 35 0.44 -18.74 -19.13
CA GLN E 35 -0.69 -18.94 -20.01
C GLN E 35 -1.15 -17.62 -20.62
N GLN E 36 -1.30 -16.61 -19.76
CA GLN E 36 -1.68 -15.27 -20.22
C GLN E 36 -0.62 -14.71 -21.16
N ARG E 37 0.64 -14.92 -20.80
CA ARG E 37 1.76 -14.42 -21.60
C ARG E 37 1.76 -15.02 -23.01
N GLU E 38 1.37 -16.28 -23.11
CA GLU E 38 1.35 -16.96 -24.40
C GLU E 38 0.21 -16.44 -25.29
N VAL E 39 -0.92 -16.09 -24.69
CA VAL E 39 -1.98 -15.43 -25.42
C VAL E 39 -1.47 -14.09 -25.92
N TYR E 40 -0.74 -13.39 -25.05
CA TYR E 40 -0.15 -12.10 -25.38
C TYR E 40 0.80 -12.17 -26.57
N VAL E 41 1.61 -13.23 -26.63
CA VAL E 41 2.55 -13.41 -27.72
C VAL E 41 1.81 -13.70 -29.04
N LYS E 42 0.80 -14.55 -28.96
CA LYS E 42 -0.01 -14.88 -30.13
C LYS E 42 -0.71 -13.63 -30.67
N GLY E 43 -1.15 -12.78 -29.76
CA GLY E 43 -1.77 -11.52 -30.13
C GLY E 43 -0.80 -10.61 -30.87
N LEU E 44 0.45 -10.57 -30.41
CA LEU E 44 1.47 -9.75 -31.05
C LEU E 44 1.76 -10.26 -32.46
N LEU E 45 1.83 -11.58 -32.63
CA LEU E 45 2.04 -12.18 -33.94
C LEU E 45 0.87 -11.89 -34.86
N ALA E 46 -0.34 -11.92 -34.29
CA ALA E 46 -1.55 -11.62 -35.03
C ALA E 46 -1.54 -10.19 -35.55
N LYS E 47 -1.07 -9.27 -34.72
CA LYS E 47 -0.96 -7.87 -35.11
C LYS E 47 0.06 -7.71 -36.23
N ILE E 48 1.19 -8.42 -36.11
CA ILE E 48 2.21 -8.42 -37.15
C ILE E 48 1.64 -8.98 -38.45
N PHE E 49 0.81 -10.01 -38.33
CA PHE E 49 0.19 -10.64 -39.49
C PHE E 49 -0.66 -9.67 -40.31
N GLU E 50 -1.48 -8.89 -39.62
CA GLU E 50 -2.35 -7.91 -40.28
C GLU E 50 -1.53 -6.77 -40.83
N LEU E 51 -0.57 -6.32 -40.03
CA LEU E 51 0.24 -5.16 -40.35
C LEU E 51 1.14 -5.43 -41.57
N GLU E 52 1.46 -6.70 -41.80
CA GLU E 52 2.24 -7.10 -42.97
C GLU E 52 1.36 -7.23 -44.20
N LYS E 53 0.10 -7.60 -43.98
CA LYS E 53 -0.88 -7.72 -45.05
C LYS E 53 -1.14 -6.35 -45.67
N LYS E 54 -1.06 -5.32 -44.84
CA LYS E 54 -1.35 -3.95 -45.25
C LYS E 54 -0.27 -3.39 -46.16
N THR E 55 0.89 -4.03 -46.15
CA THR E 55 2.06 -3.51 -46.85
C THR E 55 2.70 -4.55 -47.77
N GLN F 2 3.29 -32.17 -7.67
CA GLN F 2 2.41 -31.51 -8.63
C GLN F 2 2.88 -30.09 -8.92
N ALA F 3 4.08 -29.75 -8.45
CA ALA F 3 4.74 -28.53 -8.89
C ALA F 3 5.17 -28.79 -10.32
N GLN F 4 5.02 -27.79 -11.18
CA GLN F 4 5.40 -27.97 -12.57
C GLN F 4 6.42 -26.93 -12.98
N GLY F 5 7.40 -27.36 -13.77
CA GLY F 5 8.30 -26.43 -14.41
C GLY F 5 7.62 -25.90 -15.66
N PRO F 6 8.34 -25.08 -16.44
CA PRO F 6 7.81 -24.64 -17.74
C PRO F 6 7.82 -25.81 -18.71
N PRO F 7 7.05 -25.72 -19.81
CA PRO F 7 6.96 -26.82 -20.78
C PRO F 7 8.32 -27.40 -21.20
N TYR F 8 9.35 -26.54 -21.22
CA TYR F 8 10.73 -26.95 -21.45
C TYR F 8 11.61 -25.89 -20.79
N PRO F 9 12.83 -26.25 -20.36
CA PRO F 9 13.69 -25.26 -19.69
C PRO F 9 14.12 -24.09 -20.58
N THR F 10 13.90 -24.20 -21.89
CA THR F 10 14.26 -23.13 -22.82
C THR F 10 13.06 -22.67 -23.62
N TYR F 11 12.84 -21.35 -23.70
CA TYR F 11 11.68 -20.82 -24.39
C TYR F 11 11.72 -21.06 -25.89
N ILE F 12 10.63 -21.60 -26.42
CA ILE F 12 10.50 -21.82 -27.85
C ILE F 12 9.21 -21.17 -28.35
N PRO F 13 9.35 -20.10 -29.15
CA PRO F 13 8.24 -19.33 -29.70
C PRO F 13 7.21 -20.22 -30.41
N PRO F 14 5.93 -19.85 -30.36
CA PRO F 14 4.86 -20.61 -31.01
C PRO F 14 4.80 -20.34 -32.50
N PHE G 6 28.46 33.12 11.12
CA PHE G 6 28.37 34.34 10.33
C PHE G 6 27.86 34.12 8.92
N ASN G 7 26.59 33.75 8.81
CA ASN G 7 25.96 33.71 7.51
C ASN G 7 26.39 32.47 6.76
N SER G 8 27.18 31.65 7.42
CA SER G 8 27.29 30.28 7.10
C SER G 8 25.91 29.89 7.45
N SER G 9 25.42 30.58 8.45
CA SER G 9 24.18 30.27 9.10
C SER G 9 23.13 30.31 8.06
N ILE G 10 23.23 31.24 7.15
CA ILE G 10 22.23 31.26 6.15
C ILE G 10 22.38 29.93 5.48
N ASN G 11 23.60 29.47 5.31
CA ASN G 11 23.81 28.20 4.66
C ASN G 11 23.21 27.03 5.38
N ASN G 12 23.33 27.03 6.69
CA ASN G 12 22.87 25.91 7.43
C ASN G 12 21.42 25.83 7.11
N ILE G 13 20.80 26.97 6.99
CA ILE G 13 19.41 26.98 6.64
C ILE G 13 19.22 26.18 5.40
N HIS G 14 19.84 26.65 4.34
CA HIS G 14 19.60 26.08 3.02
C HIS G 14 19.51 24.56 3.09
N GLU G 15 20.33 23.95 3.94
CA GLU G 15 20.25 22.52 4.18
C GLU G 15 18.88 22.14 4.71
N MET G 16 18.43 22.89 5.71
CA MET G 16 17.13 22.70 6.33
C MET G 16 16.02 22.61 5.28
N GLU G 17 16.10 23.45 4.25
CA GLU G 17 15.16 23.39 3.14
C GLU G 17 15.31 22.07 2.38
N ILE G 18 16.55 21.78 1.98
CA ILE G 18 16.87 20.52 1.30
C ILE G 18 16.41 19.33 2.14
N GLN G 19 16.67 19.39 3.45
CA GLN G 19 16.32 18.32 4.37
C GLN G 19 14.80 18.22 4.55
N LEU G 20 14.12 19.36 4.58
CA LEU G 20 12.67 19.40 4.68
C LEU G 20 12.04 18.82 3.41
N LYS G 21 12.65 19.14 2.28
CA LYS G 21 12.15 18.72 0.98
C LYS G 21 12.23 17.21 0.84
N ASP G 22 13.29 16.64 1.42
CA ASP G 22 13.51 15.20 1.37
C ASP G 22 12.49 14.45 2.22
N ALA G 23 12.27 14.94 3.44
CA ALA G 23 11.31 14.33 4.35
C ALA G 23 9.91 14.35 3.75
N LEU G 24 9.55 15.46 3.12
CA LEU G 24 8.23 15.60 2.51
C LEU G 24 8.01 14.60 1.38
N GLU G 25 9.07 14.34 0.61
CA GLU G 25 9.00 13.37 -0.48
C GLU G 25 8.83 11.96 0.04
N LYS G 26 9.66 11.59 1.01
CA LYS G 26 9.61 10.25 1.60
C LYS G 26 8.26 9.99 2.24
N ASN G 27 7.75 10.97 2.97
CA ASN G 27 6.40 10.88 3.54
C ASN G 27 5.32 10.74 2.47
N GLN G 28 5.55 11.35 1.31
CA GLN G 28 4.63 11.20 0.19
C GLN G 28 4.69 9.78 -0.38
N GLN G 29 5.87 9.16 -0.31
CA GLN G 29 6.04 7.80 -0.80
C GLN G 29 5.39 6.79 0.13
N TRP G 30 5.48 7.04 1.43
CA TRP G 30 4.84 6.18 2.43
C TRP G 30 3.35 6.03 2.19
N LEU G 31 2.70 7.11 1.79
CA LEU G 31 1.28 7.09 1.49
C LEU G 31 0.97 6.12 0.36
N VAL G 32 1.69 6.27 -0.75
CA VAL G 32 1.50 5.41 -1.92
C VAL G 32 1.70 3.95 -1.55
N TYR G 33 2.85 3.67 -0.95
CA TYR G 33 3.22 2.35 -0.43
C TYR G 33 2.10 1.76 0.41
N ASP G 34 1.67 2.50 1.41
CA ASP G 34 0.65 2.06 2.35
C ASP G 34 -0.69 1.81 1.65
N GLN G 35 -1.06 2.70 0.74
CA GLN G 35 -2.32 2.56 0.02
C GLN G 35 -2.31 1.30 -0.82
N GLN G 36 -1.14 0.93 -1.32
CA GLN G 36 -0.98 -0.30 -2.06
C GLN G 36 -1.16 -1.51 -1.13
N ARG G 37 -0.56 -1.45 0.04
CA ARG G 37 -0.70 -2.52 1.03
C ARG G 37 -2.17 -2.71 1.41
N GLU G 38 -2.90 -1.60 1.51
CA GLU G 38 -4.32 -1.65 1.84
C GLU G 38 -5.12 -2.44 0.81
N VAL G 39 -4.86 -2.21 -0.48
CA VAL G 39 -5.50 -2.97 -1.55
C VAL G 39 -5.22 -4.45 -1.35
N TYR G 40 -3.96 -4.76 -1.08
CA TYR G 40 -3.52 -6.11 -0.80
C TYR G 40 -4.28 -6.70 0.39
N VAL G 41 -4.40 -5.92 1.46
CA VAL G 41 -5.09 -6.36 2.68
C VAL G 41 -6.57 -6.66 2.43
N LYS G 42 -7.22 -5.82 1.63
CA LYS G 42 -8.61 -6.05 1.24
C LYS G 42 -8.78 -7.43 0.61
N GLY G 43 -7.91 -7.75 -0.34
CA GLY G 43 -7.93 -9.04 -1.00
C GLY G 43 -7.73 -10.18 -0.01
N LEU G 44 -6.75 -10.03 0.87
CA LEU G 44 -6.49 -10.99 1.93
C LEU G 44 -7.73 -11.22 2.80
N LEU G 45 -8.37 -10.13 3.19
CA LEU G 45 -9.59 -10.19 4.00
C LEU G 45 -10.72 -10.84 3.22
N ALA G 46 -10.89 -10.43 1.97
CA ALA G 46 -11.92 -10.98 1.09
C ALA G 46 -11.74 -12.48 0.93
N LYS G 47 -10.50 -12.94 0.96
CA LYS G 47 -10.21 -14.37 0.91
C LYS G 47 -10.68 -15.06 2.19
N ILE G 48 -10.27 -14.52 3.34
CA ILE G 48 -10.67 -15.07 4.65
C ILE G 48 -12.19 -15.16 4.76
N PHE G 49 -12.89 -14.22 4.15
CA PHE G 49 -14.35 -14.25 4.15
C PHE G 49 -14.90 -15.50 3.46
N GLU G 50 -14.35 -15.79 2.28
CA GLU G 50 -14.74 -16.98 1.51
C GLU G 50 -14.43 -18.26 2.25
N LEU G 51 -13.19 -18.39 2.70
CA LEU G 51 -12.72 -19.57 3.43
C LEU G 51 -13.56 -19.90 4.66
N GLU G 52 -14.10 -18.86 5.31
CA GLU G 52 -14.89 -19.04 6.52
C GLU G 52 -16.33 -19.47 6.24
N LYS G 53 -16.89 -19.04 5.11
CA LYS G 53 -18.21 -19.52 4.69
C LYS G 53 -18.19 -21.03 4.57
N LYS G 54 -17.30 -21.54 3.72
CA LYS G 54 -17.13 -22.97 3.54
C LYS G 54 -16.64 -23.65 4.83
N THR G 55 -16.28 -22.85 5.82
CA THR G 55 -15.89 -23.35 7.13
C THR G 55 -16.99 -23.12 8.16
N GLY H 1 9.93 48.35 12.61
CA GLY H 1 9.46 49.33 11.64
C GLY H 1 10.30 49.30 10.38
N ALA H 2 9.63 49.13 9.23
CA ALA H 2 10.29 49.00 7.93
C ALA H 2 11.23 47.79 7.88
N MET H 3 11.18 46.96 8.90
CA MET H 3 11.95 45.73 8.97
C MET H 3 10.97 44.58 8.92
N GLY H 4 9.71 44.91 8.67
CA GLY H 4 8.62 43.94 8.69
C GLY H 4 8.68 42.86 7.61
N SER H 5 9.12 43.23 6.41
CA SER H 5 9.25 42.30 5.31
C SER H 5 10.28 41.29 5.73
N PHE H 6 11.29 41.83 6.42
CA PHE H 6 12.49 41.11 6.75
C PHE H 6 12.19 40.28 7.97
N ASN H 7 11.43 40.87 8.90
CA ASN H 7 10.88 40.16 10.06
C ASN H 7 9.99 38.98 9.67
N SER H 8 9.19 39.15 8.63
CA SER H 8 8.29 38.11 8.17
C SER H 8 9.10 36.91 7.68
N SER H 9 10.19 37.20 6.98
CA SER H 9 11.08 36.17 6.48
C SER H 9 11.67 35.36 7.63
N ILE H 10 12.01 36.03 8.73
CA ILE H 10 12.51 35.36 9.92
C ILE H 10 11.44 34.40 10.46
N ASN H 11 10.21 34.88 10.51
CA ASN H 11 9.07 34.08 10.93
C ASN H 11 8.90 32.85 10.04
N ASN H 12 9.06 33.06 8.73
CA ASN H 12 8.91 31.99 7.75
C ASN H 12 9.96 30.90 7.93
N ILE H 13 11.20 31.32 8.15
CA ILE H 13 12.29 30.37 8.40
C ILE H 13 12.06 29.63 9.72
N HIS H 14 11.47 30.31 10.69
CA HIS H 14 11.10 29.65 11.93
C HIS H 14 9.96 28.68 11.67
N GLU H 15 9.08 29.04 10.75
CA GLU H 15 7.99 28.16 10.34
C GLU H 15 8.54 26.95 9.57
N MET H 16 9.69 27.13 8.95
CA MET H 16 10.37 26.05 8.23
C MET H 16 10.85 25.00 9.21
N GLU H 17 11.54 25.47 10.24
CA GLU H 17 12.14 24.62 11.24
C GLU H 17 11.14 23.68 11.90
N ILE H 18 9.91 24.16 12.06
CA ILE H 18 8.89 23.36 12.73
C ILE H 18 8.19 22.41 11.75
N GLN H 19 8.09 22.80 10.49
CA GLN H 19 7.59 21.88 9.46
C GLN H 19 8.58 20.73 9.28
N LEU H 20 9.87 21.04 9.39
CA LEU H 20 10.91 20.02 9.33
C LEU H 20 10.77 19.06 10.52
N LYS H 21 10.67 19.64 11.72
CA LYS H 21 10.50 18.84 12.93
C LYS H 21 9.22 18.01 12.83
N ASP H 22 8.18 18.59 12.25
CA ASP H 22 6.91 17.89 12.07
C ASP H 22 7.06 16.75 11.08
N ALA H 23 7.64 17.05 9.92
CA ALA H 23 7.86 16.05 8.89
C ALA H 23 8.73 14.90 9.39
N LEU H 24 9.75 15.23 10.17
CA LEU H 24 10.63 14.24 10.77
C LEU H 24 9.91 13.39 11.80
N GLU H 25 9.00 14.04 12.54
CA GLU H 25 8.22 13.37 13.57
C GLU H 25 7.25 12.38 12.94
N LYS H 26 6.54 12.84 11.92
CA LYS H 26 5.59 12.00 11.20
C LYS H 26 6.29 10.87 10.46
N ASN H 27 7.48 11.15 9.93
CA ASN H 27 8.26 10.15 9.24
C ASN H 27 8.59 8.99 10.18
N GLN H 28 8.97 9.34 11.41
CA GLN H 28 9.27 8.34 12.43
C GLN H 28 8.01 7.58 12.81
N GLN H 29 6.86 8.24 12.70
CA GLN H 29 5.58 7.61 12.98
C GLN H 29 5.19 6.61 11.89
N TRP H 30 5.43 6.97 10.63
CA TRP H 30 5.24 6.04 9.52
C TRP H 30 6.02 4.76 9.77
N LEU H 31 7.26 4.91 10.25
CA LEU H 31 8.16 3.79 10.49
C LEU H 31 7.57 2.73 11.42
N VAL H 32 7.15 3.13 12.62
CA VAL H 32 6.64 2.18 13.60
C VAL H 32 5.24 1.68 13.22
N TYR H 33 4.49 2.51 12.54
CA TYR H 33 3.17 2.14 12.02
C TYR H 33 3.32 1.02 11.00
N ASP H 34 4.30 1.16 10.12
CA ASP H 34 4.59 0.18 9.08
C ASP H 34 4.93 -1.19 9.66
N GLN H 35 5.76 -1.20 10.70
CA GLN H 35 6.12 -2.45 11.38
C GLN H 35 4.86 -3.16 11.84
N GLN H 36 3.96 -2.42 12.47
CA GLN H 36 2.73 -2.99 12.99
C GLN H 36 1.87 -3.54 11.86
N ARG H 37 1.77 -2.78 10.78
CA ARG H 37 0.99 -3.21 9.62
C ARG H 37 1.56 -4.49 9.01
N GLU H 38 2.89 -4.60 9.01
CA GLU H 38 3.53 -5.81 8.51
C GLU H 38 3.24 -7.01 9.40
N VAL H 39 3.29 -6.82 10.72
CA VAL H 39 2.92 -7.87 11.66
C VAL H 39 1.47 -8.27 11.42
N TYR H 40 0.62 -7.26 11.17
CA TYR H 40 -0.78 -7.48 10.85
C TYR H 40 -0.95 -8.38 9.63
N VAL H 41 -0.23 -8.05 8.55
CA VAL H 41 -0.30 -8.84 7.32
C VAL H 41 0.21 -10.27 7.51
N LYS H 42 1.30 -10.42 8.26
CA LYS H 42 1.82 -11.73 8.61
C LYS H 42 0.73 -12.55 9.28
N GLY H 43 0.09 -11.94 10.26
CA GLY H 43 -0.98 -12.59 11.02
C GLY H 43 -2.18 -12.96 10.16
N LEU H 44 -2.46 -12.14 9.16
CA LEU H 44 -3.55 -12.43 8.24
C LEU H 44 -3.24 -13.66 7.38
N LEU H 45 -2.00 -13.76 6.94
CA LEU H 45 -1.55 -14.91 6.16
C LEU H 45 -1.53 -16.18 7.00
N ALA H 46 -1.15 -16.02 8.28
CA ALA H 46 -1.13 -17.15 9.21
C ALA H 46 -2.54 -17.71 9.38
N LYS H 47 -3.51 -16.82 9.44
CA LYS H 47 -4.91 -17.22 9.58
C LYS H 47 -5.38 -17.98 8.34
N ILE H 48 -5.07 -17.44 7.17
CA ILE H 48 -5.38 -18.11 5.90
C ILE H 48 -4.75 -19.50 5.84
N PHE H 49 -3.50 -19.58 6.31
CA PHE H 49 -2.76 -20.84 6.35
C PHE H 49 -3.53 -21.94 7.06
N GLU H 50 -4.05 -21.60 8.23
CA GLU H 50 -4.80 -22.52 9.09
C GLU H 50 -6.14 -22.87 8.46
N LEU H 51 -6.89 -21.85 8.06
CA LEU H 51 -8.20 -22.04 7.43
C LEU H 51 -8.12 -22.92 6.19
N GLU H 52 -6.95 -22.98 5.58
CA GLU H 52 -6.72 -23.86 4.45
C GLU H 52 -6.35 -25.29 4.87
N LYS H 53 -5.88 -25.46 6.10
CA LYS H 53 -5.61 -26.80 6.61
C LYS H 53 -6.92 -27.56 6.75
N LYS H 54 -7.90 -26.91 7.35
CA LYS H 54 -9.20 -27.51 7.62
C LYS H 54 -9.88 -28.02 6.36
N THR H 55 -9.80 -27.24 5.29
CA THR H 55 -10.38 -27.64 4.01
C THR H 55 -9.53 -28.70 3.33
N GLN I 2 18.33 11.44 8.02
CA GLN I 2 17.71 10.52 8.97
C GLN I 2 16.28 10.20 8.56
N ALA I 3 15.69 11.11 7.79
CA ALA I 3 14.37 10.87 7.21
C ALA I 3 14.43 9.60 6.35
N GLN I 4 13.31 8.89 6.23
CA GLN I 4 13.36 7.53 5.70
C GLN I 4 12.12 7.16 4.89
N GLY I 5 12.34 6.78 3.64
CA GLY I 5 11.25 6.31 2.79
C GLY I 5 10.91 4.88 3.16
N PRO I 6 9.88 4.34 2.51
CA PRO I 6 9.52 2.91 2.63
C PRO I 6 10.63 2.04 2.05
N PRO I 7 10.62 0.73 2.35
CA PRO I 7 11.62 -0.23 1.85
C PRO I 7 11.85 -0.07 0.34
N TYR I 8 10.76 0.08 -0.40
CA TYR I 8 10.78 0.33 -1.83
C TYR I 8 9.52 1.15 -2.12
N PRO I 9 9.56 2.02 -3.14
CA PRO I 9 8.38 2.87 -3.40
C PRO I 9 7.14 2.09 -3.85
N THR I 10 7.30 0.80 -4.12
CA THR I 10 6.17 -0.05 -4.47
C THR I 10 6.03 -1.17 -3.44
N TYR I 11 4.80 -1.39 -2.97
CA TYR I 11 4.59 -2.43 -1.98
C TYR I 11 4.74 -3.83 -2.57
N ILE I 12 5.59 -4.63 -1.94
CA ILE I 12 5.74 -6.01 -2.30
C ILE I 12 5.36 -6.86 -1.10
N PRO I 13 4.27 -7.64 -1.24
CA PRO I 13 3.78 -8.52 -0.17
C PRO I 13 4.89 -9.46 0.31
N PRO I 14 4.89 -9.78 1.61
CA PRO I 14 5.89 -10.70 2.17
C PRO I 14 5.67 -12.12 1.69
N GLY J 1 -17.36 -25.54 61.58
CA GLY J 1 -18.38 -25.08 62.50
C GLY J 1 -17.88 -23.91 63.35
N ALA J 2 -17.16 -24.23 64.42
CA ALA J 2 -16.59 -23.21 65.28
C ALA J 2 -15.43 -22.51 64.56
N MET J 3 -14.69 -23.28 63.77
CA MET J 3 -13.57 -22.75 63.03
C MET J 3 -13.85 -22.76 61.53
N GLY J 4 -15.03 -23.22 61.15
CA GLY J 4 -15.44 -23.24 59.76
C GLY J 4 -15.60 -21.84 59.21
N SER J 5 -16.01 -20.92 60.08
CA SER J 5 -16.18 -19.53 59.70
C SER J 5 -14.84 -18.87 59.46
N PHE J 6 -13.80 -19.47 60.04
CA PHE J 6 -12.46 -18.90 59.93
C PHE J 6 -11.75 -19.44 58.69
N ASN J 7 -11.87 -20.75 58.47
CA ASN J 7 -11.36 -21.38 57.25
C ASN J 7 -11.94 -20.72 56.02
N SER J 8 -13.28 -20.64 55.97
CA SER J 8 -13.99 -19.97 54.90
C SER J 8 -13.46 -18.55 54.69
N SER J 9 -13.33 -17.81 55.77
CA SER J 9 -12.88 -16.42 55.71
C SER J 9 -11.47 -16.28 55.16
N ILE J 10 -10.56 -17.16 55.58
CA ILE J 10 -9.19 -17.15 55.06
C ILE J 10 -9.15 -17.45 53.56
N ASN J 11 -9.92 -18.44 53.14
CA ASN J 11 -10.09 -18.72 51.71
C ASN J 11 -10.63 -17.51 50.96
N ASN J 12 -11.63 -16.85 51.53
CA ASN J 12 -12.19 -15.64 50.94
C ASN J 12 -11.14 -14.55 50.74
N ILE J 13 -10.23 -14.44 51.70
CA ILE J 13 -9.15 -13.47 51.62
C ILE J 13 -8.16 -13.85 50.52
N HIS J 14 -7.86 -15.14 50.41
CA HIS J 14 -6.98 -15.62 49.36
C HIS J 14 -7.63 -15.46 48.00
N GLU J 15 -8.92 -15.81 47.93
CA GLU J 15 -9.70 -15.65 46.71
C GLU J 15 -9.70 -14.18 46.27
N MET J 16 -9.68 -13.29 47.24
CA MET J 16 -9.61 -11.85 46.98
C MET J 16 -8.24 -11.44 46.42
N GLU J 17 -7.20 -12.14 46.86
CA GLU J 17 -5.83 -11.77 46.51
C GLU J 17 -5.47 -12.08 45.07
N ILE J 18 -5.86 -13.28 44.62
CA ILE J 18 -5.62 -13.72 43.24
C ILE J 18 -6.48 -12.87 42.29
N GLN J 19 -7.53 -12.29 42.83
CA GLN J 19 -8.43 -11.39 42.11
C GLN J 19 -7.72 -10.05 41.87
N LEU J 20 -6.99 -9.59 42.87
CA LEU J 20 -6.18 -8.39 42.74
C LEU J 20 -5.12 -8.60 41.68
N LYS J 21 -4.44 -9.74 41.77
CA LYS J 21 -3.40 -10.11 40.82
C LYS J 21 -3.95 -10.20 39.40
N ASP J 22 -5.16 -10.73 39.27
CA ASP J 22 -5.80 -10.85 37.96
C ASP J 22 -6.14 -9.48 37.37
N ALA J 23 -6.75 -8.62 38.18
CA ALA J 23 -7.11 -7.27 37.76
C ALA J 23 -5.89 -6.47 37.31
N LEU J 24 -4.80 -6.61 38.06
CA LEU J 24 -3.54 -5.94 37.74
C LEU J 24 -3.00 -6.41 36.38
N GLU J 25 -3.16 -7.69 36.10
CA GLU J 25 -2.75 -8.25 34.81
C GLU J 25 -3.61 -7.66 33.69
N LYS J 26 -4.93 -7.77 33.85
CA LYS J 26 -5.89 -7.25 32.89
C LYS J 26 -5.62 -5.80 32.54
N ASN J 27 -5.31 -5.00 33.56
CA ASN J 27 -5.00 -3.59 33.36
C ASN J 27 -3.70 -3.38 32.59
N GLN J 28 -2.69 -4.19 32.89
CA GLN J 28 -1.41 -4.10 32.20
C GLN J 28 -1.55 -4.48 30.73
N GLN J 29 -2.36 -5.50 30.47
CA GLN J 29 -2.65 -5.90 29.09
C GLN J 29 -3.33 -4.76 28.35
N TRP J 30 -4.27 -4.11 29.01
CA TRP J 30 -4.96 -2.94 28.45
C TRP J 30 -3.99 -1.83 28.09
N LEU J 31 -2.99 -1.62 28.94
CA LEU J 31 -2.00 -0.58 28.71
C LEU J 31 -1.22 -0.81 27.42
N VAL J 32 -0.70 -2.03 27.25
CA VAL J 32 0.06 -2.40 26.06
C VAL J 32 -0.81 -2.33 24.81
N TYR J 33 -1.94 -3.04 24.86
CA TYR J 33 -2.95 -3.04 23.80
C TYR J 33 -3.24 -1.62 23.32
N ASP J 34 -3.42 -0.70 24.26
CA ASP J 34 -3.73 0.69 23.92
C ASP J 34 -2.53 1.44 23.38
N GLN J 35 -1.34 1.11 23.87
CA GLN J 35 -0.12 1.71 23.35
C GLN J 35 0.03 1.38 21.86
N GLN J 36 -0.38 0.17 21.50
CA GLN J 36 -0.35 -0.26 20.11
C GLN J 36 -1.38 0.48 19.27
N ARG J 37 -2.55 0.73 19.84
CA ARG J 37 -3.59 1.47 19.12
C ARG J 37 -3.13 2.90 18.88
N GLU J 38 -2.29 3.41 19.78
CA GLU J 38 -1.73 4.74 19.61
C GLU J 38 -0.73 4.79 18.44
N VAL J 39 0.06 3.71 18.31
CA VAL J 39 0.94 3.55 17.16
C VAL J 39 0.12 3.60 15.87
N TYR J 40 -1.01 2.90 15.88
CA TYR J 40 -1.91 2.88 14.74
C TYR J 40 -2.50 4.26 14.48
N VAL J 41 -2.98 4.91 15.55
CA VAL J 41 -3.59 6.23 15.44
C VAL J 41 -2.65 7.25 14.82
N LYS J 42 -1.41 7.30 15.32
CA LYS J 42 -0.44 8.24 14.81
C LYS J 42 -0.06 7.95 13.36
N GLY J 43 -0.08 6.67 12.99
CA GLY J 43 0.09 6.29 11.60
C GLY J 43 -1.03 6.88 10.76
N LEU J 44 -2.25 6.66 11.21
CA LEU J 44 -3.45 7.19 10.56
C LEU J 44 -3.38 8.71 10.41
N LEU J 45 -2.93 9.38 11.46
CA LEU J 45 -2.78 10.83 11.46
C LEU J 45 -1.78 11.30 10.41
N ALA J 46 -0.68 10.57 10.27
CA ALA J 46 0.33 10.88 9.28
C ALA J 46 -0.22 10.66 7.87
N LYS J 47 -1.02 9.60 7.72
CA LYS J 47 -1.68 9.29 6.46
C LYS J 47 -2.60 10.43 6.05
N ILE J 48 -3.44 10.86 6.98
CA ILE J 48 -4.36 11.97 6.75
C ILE J 48 -3.61 13.24 6.31
N PHE J 49 -2.48 13.50 6.95
CA PHE J 49 -1.66 14.66 6.63
C PHE J 49 -1.21 14.69 5.17
N GLU J 50 -0.62 13.58 4.71
CA GLU J 50 -0.15 13.46 3.33
C GLU J 50 -1.31 13.57 2.35
N LEU J 51 -2.32 12.78 2.62
CA LEU J 51 -3.51 12.76 1.85
C LEU J 51 -4.08 14.15 1.74
N GLU J 52 -3.74 15.00 2.69
CA GLU J 52 -4.23 16.35 2.64
C GLU J 52 -3.27 17.27 1.95
N LYS J 53 -2.02 16.91 1.80
CA LYS J 53 -1.18 17.73 0.98
C LYS J 53 -1.77 17.68 -0.40
N LYS J 54 -2.33 16.54 -0.74
CA LYS J 54 -2.91 16.33 -2.05
C LYS J 54 -4.11 17.17 -2.40
N THR J 55 -4.79 17.63 -1.39
CA THR J 55 -6.03 18.35 -1.53
C THR J 55 -6.01 19.71 -2.24
N GLU J 56 -4.99 20.54 -2.03
CA GLU J 56 -3.83 20.25 -1.24
C GLU J 56 -3.71 21.24 -0.09
N ALA K 2 -2.36 -13.18 69.69
CA ALA K 2 -2.30 -11.80 69.25
C ALA K 2 -0.95 -11.17 69.52
N MET K 3 -0.36 -10.58 68.48
CA MET K 3 0.84 -9.76 68.61
C MET K 3 0.92 -8.76 67.46
N GLY K 4 2.01 -8.02 67.41
CA GLY K 4 2.22 -7.02 66.37
C GLY K 4 2.37 -7.59 64.97
N SER K 5 3.15 -8.66 64.84
CA SER K 5 3.38 -9.30 63.55
C SER K 5 2.06 -9.84 62.99
N PHE K 6 1.12 -10.17 63.88
CA PHE K 6 -0.15 -10.75 63.47
C PHE K 6 -1.22 -9.74 63.08
N ASN K 7 -1.41 -8.71 63.90
CA ASN K 7 -2.38 -7.67 63.53
C ASN K 7 -1.81 -6.68 62.52
N SER K 8 -0.49 -6.71 62.34
CA SER K 8 0.10 -6.00 61.19
C SER K 8 -0.29 -6.75 59.92
N SER K 9 -0.28 -8.08 59.98
CA SER K 9 -0.65 -8.89 58.81
C SER K 9 -2.10 -8.53 58.41
N ILE K 10 -2.94 -8.28 59.39
CA ILE K 10 -4.33 -7.86 59.13
C ILE K 10 -4.46 -6.48 58.48
N ASN K 11 -3.61 -5.53 58.88
CA ASN K 11 -3.63 -4.21 58.25
C ASN K 11 -3.30 -4.31 56.76
N ASN K 12 -2.32 -5.14 56.45
CA ASN K 12 -1.90 -5.37 55.07
C ASN K 12 -3.08 -5.87 54.25
N ILE K 13 -3.83 -6.80 54.83
CA ILE K 13 -5.03 -7.32 54.21
C ILE K 13 -6.07 -6.22 54.01
N HIS K 14 -6.12 -5.26 54.92
CA HIS K 14 -7.04 -4.15 54.72
C HIS K 14 -6.61 -3.33 53.50
N GLU K 15 -5.30 -3.26 53.25
CA GLU K 15 -4.76 -2.58 52.08
C GLU K 15 -5.17 -3.32 50.80
N MET K 16 -5.11 -4.64 50.84
CA MET K 16 -5.61 -5.48 49.77
C MET K 16 -6.85 -4.93 49.17
N GLU K 17 -7.81 -4.86 50.06
CA GLU K 17 -9.18 -4.59 49.74
C GLU K 17 -9.29 -3.25 49.05
N ILE K 18 -8.34 -2.36 49.32
CA ILE K 18 -8.36 -1.05 48.67
C ILE K 18 -7.62 -1.06 47.33
N GLN K 19 -6.49 -1.77 47.24
CA GLN K 19 -5.77 -1.88 45.97
C GLN K 19 -6.60 -2.70 44.99
N LEU K 20 -7.29 -3.71 45.53
CA LEU K 20 -8.25 -4.51 44.77
C LEU K 20 -9.39 -3.62 44.29
N LYS K 21 -9.80 -2.68 45.13
CA LYS K 21 -10.90 -1.78 44.81
C LYS K 21 -10.48 -0.79 43.71
N ASP K 22 -9.25 -0.32 43.78
CA ASP K 22 -8.73 0.61 42.78
C ASP K 22 -8.55 -0.07 41.42
N ALA K 23 -7.88 -1.22 41.43
CA ALA K 23 -7.65 -2.00 40.22
C ALA K 23 -8.95 -2.24 39.48
N LEU K 24 -9.97 -2.66 40.21
CA LEU K 24 -11.29 -2.89 39.64
C LEU K 24 -11.91 -1.61 39.09
N GLU K 25 -11.62 -0.48 39.74
CA GLU K 25 -12.13 0.80 39.25
C GLU K 25 -11.37 1.23 37.99
N LYS K 26 -10.06 1.11 38.05
CA LYS K 26 -9.21 1.36 36.89
C LYS K 26 -9.62 0.50 35.71
N ASN K 27 -9.85 -0.79 35.97
CA ASN K 27 -10.28 -1.73 34.94
C ASN K 27 -11.59 -1.30 34.29
N GLN K 28 -12.51 -0.78 35.11
CA GLN K 28 -13.75 -0.25 34.58
C GLN K 28 -13.48 0.96 33.69
N GLN K 29 -12.49 1.75 34.09
CA GLN K 29 -12.09 2.93 33.32
C GLN K 29 -11.44 2.58 31.98
N TRP K 30 -10.69 1.47 31.95
CA TRP K 30 -10.10 1.00 30.70
C TRP K 30 -11.17 0.64 29.68
N LEU K 31 -12.28 0.10 30.18
CA LEU K 31 -13.38 -0.34 29.33
C LEU K 31 -14.08 0.82 28.63
N VAL K 32 -14.35 1.90 29.36
CA VAL K 32 -14.96 3.09 28.77
C VAL K 32 -13.97 3.81 27.86
N TYR K 33 -12.69 3.74 28.21
CA TYR K 33 -11.63 4.34 27.39
C TYR K 33 -11.53 3.62 26.06
N ASP K 34 -11.63 2.29 26.11
CA ASP K 34 -11.61 1.48 24.91
C ASP K 34 -12.76 1.89 23.99
N GLN K 35 -13.93 2.08 24.59
CA GLN K 35 -15.12 2.50 23.86
C GLN K 35 -14.90 3.82 23.14
N GLN K 36 -14.31 4.79 23.83
CA GLN K 36 -14.07 6.11 23.27
C GLN K 36 -13.01 6.12 22.17
N ARG K 37 -11.91 5.40 22.42
CA ARG K 37 -10.80 5.35 21.46
C ARG K 37 -11.19 4.67 20.16
N GLU K 38 -12.03 3.64 20.24
CA GLU K 38 -12.48 2.94 19.04
C GLU K 38 -13.32 3.84 18.15
N VAL K 39 -14.12 4.71 18.77
CA VAL K 39 -14.88 5.70 18.03
C VAL K 39 -13.92 6.65 17.31
N TYR K 40 -12.86 7.02 18.01
CA TYR K 40 -11.85 7.92 17.46
C TYR K 40 -11.17 7.32 16.24
N VAL K 41 -10.74 6.06 16.38
CA VAL K 41 -10.08 5.36 15.29
C VAL K 41 -10.99 5.23 14.07
N LYS K 42 -12.26 4.92 14.30
CA LYS K 42 -13.23 4.81 13.22
C LYS K 42 -13.43 6.16 12.55
N GLY K 43 -13.43 7.22 13.34
CA GLY K 43 -13.57 8.57 12.81
C GLY K 43 -12.40 8.95 11.92
N LEU K 44 -11.20 8.59 12.36
CA LEU K 44 -10.00 8.82 11.56
C LEU K 44 -10.06 8.01 10.27
N LEU K 45 -10.47 6.75 10.40
CA LEU K 45 -10.63 5.86 9.25
C LEU K 45 -11.61 6.44 8.25
N ALA K 46 -12.70 7.00 8.76
CA ALA K 46 -13.73 7.61 7.93
C ALA K 46 -13.19 8.87 7.23
N LYS K 47 -12.33 9.60 7.93
CA LYS K 47 -11.70 10.79 7.36
C LYS K 47 -10.81 10.40 6.20
N ILE K 48 -10.04 9.33 6.38
CA ILE K 48 -9.16 8.81 5.33
C ILE K 48 -9.98 8.38 4.12
N PHE K 49 -11.05 7.63 4.39
CA PHE K 49 -11.99 7.20 3.36
C PHE K 49 -12.47 8.38 2.53
N GLU K 50 -12.98 9.42 3.20
CA GLU K 50 -13.46 10.61 2.50
C GLU K 50 -12.34 11.28 1.72
N LEU K 51 -11.20 11.37 2.35
CA LEU K 51 -10.07 11.98 1.76
C LEU K 51 -9.58 11.20 0.55
N GLU K 52 -9.58 9.90 0.64
CA GLU K 52 -9.17 9.10 -0.48
C GLU K 52 -10.07 9.32 -1.65
N LYS K 53 -11.34 9.43 -1.39
CA LYS K 53 -12.26 9.69 -2.46
C LYS K 53 -12.03 11.03 -3.10
N LYS K 54 -11.78 12.04 -2.30
CA LYS K 54 -11.62 13.36 -2.81
C LYS K 54 -10.40 13.46 -3.67
N THR K 55 -9.32 12.88 -3.20
CA THR K 55 -8.07 12.94 -3.91
C THR K 55 -7.98 11.89 -4.97
N GLU K 56 -8.89 10.94 -4.95
CA GLU K 56 -8.92 9.94 -5.99
C GLU K 56 -7.74 9.02 -5.98
N THR K 57 -7.16 8.78 -4.82
CA THR K 57 -6.03 7.92 -4.70
C THR K 57 -6.38 6.56 -4.19
N ALA K 58 -7.61 6.35 -3.84
CA ALA K 58 -8.08 5.01 -3.50
C ALA K 58 -9.55 4.85 -3.88
N ALA K 59 -9.91 3.62 -4.23
CA ALA K 59 -11.29 3.30 -4.52
C ALA K 59 -11.76 2.28 -3.49
N HIS K 60 -12.96 2.48 -2.98
CA HIS K 60 -13.62 1.42 -2.22
C HIS K 60 -14.89 1.03 -2.95
N SER K 61 -15.70 0.18 -2.33
CA SER K 61 -17.00 -0.25 -2.84
C SER K 61 -16.93 -1.23 -4.00
N LEU K 62 -15.75 -1.81 -4.23
CA LEU K 62 -15.57 -2.71 -5.36
C LEU K 62 -15.63 -4.18 -4.97
N GLN L 2 -14.91 -10.68 37.14
CA GLN L 2 -15.64 -9.59 36.50
C GLN L 2 -14.69 -8.50 36.02
N ALA L 3 -13.42 -8.64 36.38
CA ALA L 3 -12.37 -7.81 35.79
C ALA L 3 -12.16 -8.33 34.38
N GLN L 4 -11.78 -7.45 33.46
CA GLN L 4 -11.82 -7.78 32.05
C GLN L 4 -10.58 -7.28 31.30
N GLY L 5 -10.08 -8.10 30.39
CA GLY L 5 -8.91 -7.75 29.62
C GLY L 5 -9.28 -7.24 28.24
N PRO L 6 -8.26 -6.91 27.43
CA PRO L 6 -8.47 -6.54 26.03
C PRO L 6 -9.05 -7.74 25.28
N PRO L 7 -9.78 -7.49 24.18
CA PRO L 7 -10.36 -8.58 23.38
C PRO L 7 -9.28 -9.56 22.91
N TYR L 8 -8.12 -9.04 22.50
CA TYR L 8 -6.97 -9.86 22.14
C TYR L 8 -5.72 -9.18 22.69
N PRO L 9 -4.65 -9.96 22.96
CA PRO L 9 -3.43 -9.37 23.51
C PRO L 9 -2.77 -8.33 22.60
N THR L 10 -2.91 -8.46 21.28
CA THR L 10 -2.40 -7.44 20.37
C THR L 10 -3.53 -6.67 19.72
N TYR L 11 -3.32 -5.37 19.49
CA TYR L 11 -4.36 -4.54 18.92
C TYR L 11 -4.62 -4.84 17.45
N ILE L 12 -5.90 -4.93 17.10
CA ILE L 12 -6.32 -5.15 15.73
C ILE L 12 -7.38 -4.11 15.36
N PRO L 13 -7.07 -3.25 14.39
CA PRO L 13 -7.97 -2.16 13.95
C PRO L 13 -9.34 -2.68 13.54
N PRO L 14 -10.36 -1.80 13.60
CA PRO L 14 -11.73 -2.19 13.20
C PRO L 14 -11.89 -2.19 11.68
N GLY M 4 -53.81 30.15 4.18
CA GLY M 4 -53.83 31.39 4.93
C GLY M 4 -52.53 31.65 5.69
N SER M 5 -52.23 32.92 5.91
CA SER M 5 -51.00 33.32 6.59
C SER M 5 -50.84 32.62 7.93
N PHE M 6 -51.96 32.29 8.55
CA PHE M 6 -51.93 31.52 9.78
C PHE M 6 -51.38 30.11 9.54
N ASN M 7 -51.62 29.55 8.37
CA ASN M 7 -51.01 28.27 8.01
C ASN M 7 -49.52 28.44 7.69
N SER M 8 -49.14 29.61 7.20
CA SER M 8 -47.75 29.81 6.87
C SER M 8 -46.97 29.87 8.17
N SER M 9 -47.56 30.57 9.14
CA SER M 9 -46.98 30.73 10.48
C SER M 9 -46.65 29.39 11.15
N ILE M 10 -47.44 28.35 10.87
CA ILE M 10 -47.19 27.01 11.39
C ILE M 10 -46.03 26.34 10.67
N ASN M 11 -45.80 26.73 9.42
CA ASN M 11 -44.69 26.20 8.64
C ASN M 11 -43.36 26.80 9.08
N ASN M 12 -43.43 28.04 9.58
CA ASN M 12 -42.27 28.67 10.20
C ASN M 12 -41.92 27.91 11.47
N ILE M 13 -42.91 27.71 12.33
CA ILE M 13 -42.78 26.89 13.54
C ILE M 13 -42.18 25.51 13.22
N HIS M 14 -42.58 24.93 12.09
CA HIS M 14 -42.01 23.66 11.68
C HIS M 14 -40.55 23.82 11.31
N GLU M 15 -40.24 24.85 10.52
CA GLU M 15 -38.85 25.15 10.18
C GLU M 15 -38.03 25.40 11.44
N MET M 16 -38.67 25.95 12.46
CA MET M 16 -38.01 26.25 13.73
C MET M 16 -37.41 25.00 14.34
N GLU M 17 -38.24 23.97 14.36
CA GLU M 17 -37.92 22.75 15.05
C GLU M 17 -36.88 21.98 14.26
N ILE M 18 -36.91 22.16 12.94
CA ILE M 18 -35.89 21.60 12.07
C ILE M 18 -34.55 22.26 12.40
N GLN M 19 -34.59 23.57 12.62
CA GLN M 19 -33.39 24.33 12.96
C GLN M 19 -32.90 23.97 14.37
N LEU M 20 -33.84 23.86 15.30
CA LEU M 20 -33.51 23.49 16.68
C LEU M 20 -32.82 22.15 16.72
N LYS M 21 -33.39 21.19 15.99
CA LYS M 21 -32.89 19.82 15.95
C LYS M 21 -31.48 19.79 15.39
N ASP M 22 -31.21 20.64 14.41
CA ASP M 22 -29.88 20.73 13.82
C ASP M 22 -28.86 21.24 14.82
N ALA M 23 -29.21 22.34 15.50
CA ALA M 23 -28.32 22.94 16.50
C ALA M 23 -27.98 21.95 17.61
N LEU M 24 -28.98 21.18 18.04
CA LEU M 24 -28.80 20.16 19.06
C LEU M 24 -27.79 19.10 18.63
N GLU M 25 -27.86 18.72 17.36
CA GLU M 25 -26.96 17.70 16.83
C GLU M 25 -25.52 18.19 16.79
N LYS M 26 -25.33 19.40 16.28
CA LYS M 26 -24.00 20.00 16.17
C LYS M 26 -23.36 20.18 17.54
N ASN M 27 -24.15 20.66 18.50
CA ASN M 27 -23.67 20.80 19.87
C ASN M 27 -23.23 19.47 20.46
N GLN M 28 -23.97 18.41 20.14
CA GLN M 28 -23.60 17.07 20.55
C GLN M 28 -22.28 16.65 19.92
N GLN M 29 -22.04 17.08 18.69
CA GLN M 29 -20.80 16.77 18.01
C GLN M 29 -19.63 17.52 18.63
N TRP M 30 -19.89 18.74 19.10
CA TRP M 30 -18.88 19.54 19.77
C TRP M 30 -18.35 18.85 21.02
N LEU M 31 -19.24 18.18 21.74
CA LEU M 31 -18.87 17.45 22.94
C LEU M 31 -17.88 16.34 22.63
N VAL M 32 -18.22 15.50 21.66
CA VAL M 32 -17.36 14.38 21.25
C VAL M 32 -15.99 14.86 20.77
N TYR M 33 -16.02 15.86 19.88
CA TYR M 33 -14.83 16.48 19.34
C TYR M 33 -13.91 16.99 20.45
N ASP M 34 -14.47 17.81 21.34
CA ASP M 34 -13.70 18.41 22.42
C ASP M 34 -13.17 17.36 23.40
N GLN M 35 -13.96 16.32 23.63
CA GLN M 35 -13.53 15.23 24.51
C GLN M 35 -12.32 14.51 23.92
N GLN M 36 -12.28 14.43 22.59
CA GLN M 36 -11.15 13.82 21.90
C GLN M 36 -9.90 14.69 22.04
N ARG M 37 -10.06 16.00 21.89
CA ARG M 37 -8.94 16.93 22.06
C ARG M 37 -8.40 16.87 23.49
N GLU M 38 -9.29 16.61 24.45
CA GLU M 38 -8.87 16.49 25.84
C GLU M 38 -7.92 15.32 26.05
N VAL M 39 -8.26 14.16 25.48
CA VAL M 39 -7.39 12.99 25.56
C VAL M 39 -6.03 13.32 24.95
N TYR M 40 -6.06 14.01 23.82
CA TYR M 40 -4.85 14.47 23.14
C TYR M 40 -4.05 15.42 24.03
N VAL M 41 -4.72 16.46 24.52
CA VAL M 41 -4.10 17.43 25.42
C VAL M 41 -3.48 16.76 26.64
N LYS M 42 -4.21 15.79 27.18
CA LYS M 42 -3.74 15.01 28.31
C LYS M 42 -2.41 14.34 28.00
N GLY M 43 -2.30 13.81 26.78
CA GLY M 43 -1.07 13.17 26.33
C GLY M 43 0.07 14.16 26.16
N LEU M 44 -0.26 15.33 25.63
CA LEU M 44 0.72 16.42 25.48
C LEU M 44 1.31 16.82 26.82
N LEU M 45 0.46 16.95 27.84
CA LEU M 45 0.89 17.35 29.18
C LEU M 45 1.76 16.27 29.82
N ALA M 46 1.35 15.02 29.66
CA ALA M 46 2.09 13.88 30.18
C ALA M 46 3.51 13.87 29.64
N LYS M 47 3.66 14.41 28.43
CA LYS M 47 4.96 14.53 27.79
C LYS M 47 5.79 15.64 28.43
N ILE M 48 5.24 16.87 28.43
CA ILE M 48 5.88 18.03 29.05
C ILE M 48 6.38 17.72 30.46
N PHE M 49 5.61 16.91 31.17
CA PHE M 49 6.01 16.43 32.48
C PHE M 49 7.30 15.62 32.41
N GLU M 50 7.43 14.81 31.36
CA GLU M 50 8.59 13.94 31.22
C GLU M 50 9.83 14.71 30.78
N LEU M 51 9.64 15.67 29.88
CA LEU M 51 10.76 16.48 29.40
C LEU M 51 11.31 17.38 30.49
N GLU M 52 10.44 17.79 31.42
CA GLU M 52 10.86 18.58 32.56
C GLU M 52 11.53 17.70 33.61
N LYS M 53 11.20 16.41 33.59
CA LYS M 53 11.91 15.42 34.37
C LYS M 53 13.34 15.31 33.86
N LYS M 54 13.50 14.82 32.63
CA LYS M 54 14.81 14.69 31.98
C LYS M 54 15.68 15.94 32.08
N THR M 55 15.03 17.08 32.35
CA THR M 55 15.70 18.31 32.74
C THR M 55 16.12 18.24 34.21
N GLU M 56 15.16 17.89 35.08
CA GLU M 56 15.41 17.72 36.52
C GLU M 56 16.03 18.97 37.17
N GLY N 1 -59.87 29.72 28.15
CA GLY N 1 -60.00 29.01 29.41
C GLY N 1 -60.52 27.60 29.23
N ALA N 2 -61.56 27.46 28.42
CA ALA N 2 -62.17 26.16 28.15
C ALA N 2 -61.18 25.14 27.67
N MET N 3 -60.14 25.59 26.99
CA MET N 3 -59.16 24.60 26.54
C MET N 3 -57.72 24.91 27.07
N GLY N 4 -57.34 24.22 28.15
CA GLY N 4 -55.96 24.30 28.66
C GLY N 4 -54.99 23.72 27.64
N SER N 5 -55.50 22.84 26.78
CA SER N 5 -54.62 22.08 25.90
C SER N 5 -53.99 22.90 24.78
N PHE N 6 -54.82 23.66 24.07
CA PHE N 6 -54.31 24.51 23.01
C PHE N 6 -53.39 25.59 23.57
N ASN N 7 -53.69 26.04 24.78
CA ASN N 7 -52.82 26.97 25.50
C ASN N 7 -51.46 26.35 25.78
N SER N 8 -51.47 25.10 26.24
CA SER N 8 -50.25 24.34 26.51
C SER N 8 -49.37 24.30 25.27
N SER N 9 -49.91 23.73 24.20
CA SER N 9 -49.20 23.61 22.92
C SER N 9 -48.60 24.94 22.46
N ILE N 10 -49.33 26.02 22.68
CA ILE N 10 -48.80 27.36 22.41
C ILE N 10 -47.58 27.65 23.30
N ASN N 11 -47.71 27.35 24.59
CA ASN N 11 -46.60 27.55 25.53
C ASN N 11 -45.40 26.69 25.15
N ASN N 12 -45.68 25.45 24.79
CA ASN N 12 -44.66 24.49 24.38
C ASN N 12 -43.80 25.03 23.24
N ILE N 13 -44.48 25.56 22.21
CA ILE N 13 -43.81 26.18 21.08
C ILE N 13 -42.96 27.37 21.52
N HIS N 14 -43.46 28.13 22.48
CA HIS N 14 -42.68 29.22 23.06
C HIS N 14 -41.46 28.66 23.79
N GLU N 15 -41.65 27.57 24.53
CA GLU N 15 -40.55 26.90 25.20
C GLU N 15 -39.54 26.37 24.18
N MET N 16 -40.04 26.01 23.01
CA MET N 16 -39.18 25.53 21.93
C MET N 16 -38.26 26.60 21.40
N GLU N 17 -38.80 27.78 21.09
CA GLU N 17 -37.99 28.85 20.53
C GLU N 17 -37.04 29.43 21.56
N ILE N 18 -37.30 29.13 22.83
CA ILE N 18 -36.36 29.47 23.89
C ILE N 18 -35.16 28.54 23.80
N GLN N 19 -35.43 27.26 23.61
CA GLN N 19 -34.37 26.25 23.46
C GLN N 19 -33.56 26.49 22.19
N LEU N 20 -34.22 27.00 21.16
CA LEU N 20 -33.52 27.34 19.92
C LEU N 20 -32.52 28.47 20.16
N LYS N 21 -32.98 29.53 20.80
CA LYS N 21 -32.12 30.65 21.14
C LYS N 21 -30.97 30.19 22.03
N ASP N 22 -31.27 29.28 22.94
CA ASP N 22 -30.28 28.74 23.87
C ASP N 22 -29.24 27.90 23.14
N ALA N 23 -29.71 26.96 22.33
CA ALA N 23 -28.83 26.09 21.56
C ALA N 23 -27.94 26.90 20.63
N LEU N 24 -28.50 27.95 20.04
CA LEU N 24 -27.78 28.84 19.15
C LEU N 24 -26.72 29.64 19.91
N GLU N 25 -27.05 30.06 21.13
CA GLU N 25 -26.10 30.80 21.95
C GLU N 25 -24.91 29.94 22.35
N LYS N 26 -25.19 28.72 22.75
CA LYS N 26 -24.16 27.78 23.20
C LYS N 26 -23.30 27.32 22.03
N ASN N 27 -23.92 27.19 20.85
CA ASN N 27 -23.18 26.87 19.64
C ASN N 27 -22.12 27.93 19.39
N GLN N 28 -22.51 29.18 19.51
CA GLN N 28 -21.59 30.29 19.34
C GLN N 28 -20.52 30.28 20.42
N GLN N 29 -20.88 29.80 21.61
CA GLN N 29 -19.93 29.72 22.71
C GLN N 29 -18.93 28.58 22.50
N TRP N 30 -19.41 27.46 21.93
CA TRP N 30 -18.53 26.38 21.52
C TRP N 30 -17.47 26.90 20.55
N LEU N 31 -17.91 27.74 19.61
CA LEU N 31 -17.04 28.32 18.59
C LEU N 31 -15.87 29.09 19.19
N VAL N 32 -16.18 30.06 20.05
CA VAL N 32 -15.17 30.90 20.68
C VAL N 32 -14.26 30.11 21.63
N TYR N 33 -14.87 29.18 22.36
CA TYR N 33 -14.15 28.27 23.24
C TYR N 33 -13.14 27.43 22.45
N ASP N 34 -13.56 26.96 21.29
CA ASP N 34 -12.73 26.12 20.43
C ASP N 34 -11.45 26.82 19.99
N GLN N 35 -11.58 28.07 19.55
CA GLN N 35 -10.43 28.86 19.14
C GLN N 35 -9.41 28.94 20.26
N GLN N 36 -9.90 29.20 21.47
CA GLN N 36 -9.04 29.33 22.64
C GLN N 36 -8.30 28.00 22.88
N ARG N 37 -9.05 26.91 22.83
CA ARG N 37 -8.47 25.58 23.03
C ARG N 37 -7.41 25.26 21.98
N GLU N 38 -7.62 25.74 20.77
CA GLU N 38 -6.65 25.53 19.69
C GLU N 38 -5.38 26.35 19.91
N VAL N 39 -5.55 27.60 20.36
CA VAL N 39 -4.41 28.42 20.75
C VAL N 39 -3.65 27.73 21.89
N TYR N 40 -4.41 27.15 22.81
CA TYR N 40 -3.84 26.41 23.94
C TYR N 40 -2.99 25.23 23.48
N VAL N 41 -3.50 24.45 22.54
CA VAL N 41 -2.78 23.30 22.02
C VAL N 41 -1.50 23.71 21.29
N LYS N 42 -1.59 24.74 20.45
CA LYS N 42 -0.43 25.30 19.77
C LYS N 42 0.65 25.67 20.78
N GLY N 43 0.22 26.30 21.87
CA GLY N 43 1.14 26.74 22.91
C GLY N 43 1.81 25.59 23.63
N LEU N 44 1.09 24.50 23.84
CA LEU N 44 1.66 23.32 24.47
C LEU N 44 2.72 22.71 23.56
N LEU N 45 2.41 22.65 22.27
CA LEU N 45 3.35 22.14 21.28
C LEU N 45 4.58 23.01 21.17
N ALA N 46 4.38 24.32 21.15
CA ALA N 46 5.48 25.29 21.08
C ALA N 46 6.41 25.11 22.27
N LYS N 47 5.82 24.78 23.42
CA LYS N 47 6.57 24.54 24.65
C LYS N 47 7.42 23.29 24.50
N ILE N 48 6.78 22.18 24.12
CA ILE N 48 7.44 20.91 23.86
C ILE N 48 8.61 21.11 22.89
N PHE N 49 8.41 21.98 21.92
CA PHE N 49 9.46 22.31 20.95
C PHE N 49 10.73 22.85 21.63
N GLU N 50 10.55 23.76 22.57
CA GLU N 50 11.68 24.30 23.33
C GLU N 50 12.36 23.21 24.16
N LEU N 51 11.58 22.57 25.02
CA LEU N 51 12.10 21.53 25.92
C LEU N 51 12.88 20.43 25.21
N GLU N 52 12.58 20.21 23.94
CA GLU N 52 13.23 19.16 23.16
C GLU N 52 14.57 19.56 22.52
N LYS N 53 14.76 20.85 22.26
CA LYS N 53 16.05 21.35 21.79
C LYS N 53 16.99 21.61 22.97
N LYS N 54 16.41 21.85 24.14
CA LYS N 54 17.19 22.06 25.35
C LYS N 54 17.73 20.73 25.88
N THR N 55 17.48 19.65 25.13
CA THR N 55 18.15 18.38 25.38
C THR N 55 18.77 17.87 24.09
N GLN O 2 -27.18 28.54 10.55
CA GLN O 2 -25.99 29.29 10.92
C GLN O 2 -25.35 28.71 12.17
N ALA O 3 -25.96 27.65 12.69
CA ALA O 3 -25.33 26.86 13.74
C ALA O 3 -24.27 26.00 13.08
N GLN O 4 -23.16 25.77 13.77
CA GLN O 4 -22.06 25.00 13.19
C GLN O 4 -21.61 23.86 14.09
N GLY O 5 -21.27 22.73 13.47
CA GLY O 5 -20.58 21.67 14.19
C GLY O 5 -19.10 21.98 14.18
N PRO O 6 -18.29 21.07 14.74
CA PRO O 6 -16.83 21.15 14.74
C PRO O 6 -16.31 21.15 13.30
N PRO O 7 -15.04 21.52 13.08
CA PRO O 7 -14.42 21.48 11.75
C PRO O 7 -14.67 20.13 11.07
N TYR O 8 -14.65 19.07 11.87
CA TYR O 8 -14.94 17.71 11.44
C TYR O 8 -15.39 16.96 12.69
N PRO O 9 -16.26 15.96 12.55
CA PRO O 9 -16.76 15.25 13.74
C PRO O 9 -15.67 14.56 14.57
N THR O 10 -14.48 14.40 14.01
CA THR O 10 -13.39 13.75 14.74
C THR O 10 -12.22 14.73 14.90
N TYR O 11 -11.69 14.83 16.12
CA TYR O 11 -10.60 15.75 16.37
C TYR O 11 -9.31 15.33 15.68
N ILE O 12 -8.70 16.26 14.96
CA ILE O 12 -7.42 16.02 14.32
C ILE O 12 -6.44 17.11 14.73
N PRO O 13 -5.39 16.72 15.47
CA PRO O 13 -4.36 17.66 15.91
C PRO O 13 -3.65 18.26 14.71
N PRO O 14 -3.23 19.53 14.81
CA PRO O 14 -3.52 20.40 15.95
C PRO O 14 -4.70 21.32 15.65
N GLY P 1 -49.72 18.44 -26.98
CA GLY P 1 -48.36 18.59 -26.48
C GLY P 1 -48.26 18.09 -25.07
N ALA P 2 -49.29 18.37 -24.27
CA ALA P 2 -49.31 17.89 -22.89
C ALA P 2 -49.21 16.37 -22.89
N MET P 3 -49.97 15.71 -23.76
CA MET P 3 -49.91 14.25 -23.85
C MET P 3 -48.54 13.79 -24.33
N GLY P 4 -47.83 14.67 -25.02
CA GLY P 4 -46.51 14.36 -25.54
C GLY P 4 -45.41 14.54 -24.51
N SER P 5 -45.62 15.49 -23.59
CA SER P 5 -44.68 15.73 -22.50
C SER P 5 -44.47 14.44 -21.73
N PHE P 6 -45.56 13.71 -21.56
CA PHE P 6 -45.57 12.44 -20.86
C PHE P 6 -44.76 11.45 -21.67
N ASN P 7 -45.03 11.41 -22.97
CA ASN P 7 -44.36 10.48 -23.87
C ASN P 7 -42.85 10.67 -23.93
N SER P 8 -42.40 11.93 -23.86
CA SER P 8 -40.97 12.23 -23.77
C SER P 8 -40.44 11.66 -22.46
N SER P 9 -41.08 12.03 -21.36
CA SER P 9 -40.74 11.55 -20.03
C SER P 9 -40.62 10.03 -19.98
N ILE P 10 -41.42 9.34 -20.77
CA ILE P 10 -41.33 7.89 -20.89
C ILE P 10 -40.07 7.46 -21.65
N ASN P 11 -39.81 8.10 -22.79
CA ASN P 11 -38.59 7.83 -23.55
C ASN P 11 -37.35 8.07 -22.69
N ASN P 12 -37.39 9.15 -21.92
CA ASN P 12 -36.32 9.47 -20.99
C ASN P 12 -36.08 8.33 -20.00
N ILE P 13 -37.17 7.82 -19.43
CA ILE P 13 -37.09 6.68 -18.53
C ILE P 13 -36.49 5.48 -19.25
N HIS P 14 -36.81 5.33 -20.53
CA HIS P 14 -36.24 4.27 -21.34
C HIS P 14 -34.76 4.51 -21.57
N GLU P 15 -34.40 5.77 -21.80
CA GLU P 15 -33.00 6.16 -21.98
C GLU P 15 -32.20 5.90 -20.70
N MET P 16 -32.83 6.19 -19.56
CA MET P 16 -32.21 5.96 -18.26
C MET P 16 -31.93 4.48 -18.05
N GLU P 17 -32.85 3.64 -18.49
CA GLU P 17 -32.73 2.20 -18.35
C GLU P 17 -31.60 1.66 -19.23
N ILE P 18 -31.56 2.11 -20.48
CA ILE P 18 -30.46 1.82 -21.40
C ILE P 18 -29.13 2.18 -20.75
N GLN P 19 -29.09 3.35 -20.14
CA GLN P 19 -27.89 3.89 -19.52
C GLN P 19 -27.47 3.05 -18.33
N LEU P 20 -28.44 2.50 -17.62
CA LEU P 20 -28.14 1.61 -16.50
C LEU P 20 -27.43 0.36 -17.01
N LYS P 21 -27.78 -0.11 -18.20
CA LYS P 21 -27.32 -1.39 -18.70
C LYS P 21 -25.89 -1.28 -19.14
N ASP P 22 -25.68 -0.20 -19.84
CA ASP P 22 -24.39 0.10 -20.36
C ASP P 22 -23.42 0.13 -19.20
N ALA P 23 -23.83 0.79 -18.11
CA ALA P 23 -22.98 0.89 -16.93
C ALA P 23 -22.67 -0.46 -16.30
N LEU P 24 -23.69 -1.31 -16.17
CA LEU P 24 -23.52 -2.64 -15.59
C LEU P 24 -22.59 -3.51 -16.43
N GLU P 25 -22.71 -3.39 -17.75
CA GLU P 25 -21.82 -4.10 -18.66
C GLU P 25 -20.38 -3.63 -18.48
N LYS P 26 -20.18 -2.32 -18.57
CA LYS P 26 -18.85 -1.72 -18.47
C LYS P 26 -18.19 -2.00 -17.13
N ASN P 27 -18.99 -2.06 -16.07
CA ASN P 27 -18.48 -2.42 -14.76
C ASN P 27 -18.04 -3.88 -14.70
N GLN P 28 -18.79 -4.75 -15.37
CA GLN P 28 -18.44 -6.16 -15.44
C GLN P 28 -17.19 -6.38 -16.29
N GLN P 29 -17.10 -5.62 -17.38
CA GLN P 29 -15.91 -5.66 -18.22
C GLN P 29 -14.68 -5.25 -17.42
N TRP P 30 -14.84 -4.23 -16.58
CA TRP P 30 -13.77 -3.78 -15.69
C TRP P 30 -13.38 -4.88 -14.71
N LEU P 31 -14.35 -5.65 -14.26
CA LEU P 31 -14.11 -6.71 -13.29
C LEU P 31 -13.15 -7.77 -13.83
N VAL P 32 -13.44 -8.30 -15.01
CA VAL P 32 -12.61 -9.36 -15.60
C VAL P 32 -11.27 -8.83 -16.11
N TYR P 33 -11.29 -7.61 -16.64
CA TYR P 33 -10.08 -6.93 -17.08
C TYR P 33 -9.13 -6.80 -15.89
N ASP P 34 -9.70 -6.49 -14.73
CA ASP P 34 -8.90 -6.34 -13.51
C ASP P 34 -8.41 -7.68 -12.99
N GLN P 35 -9.23 -8.71 -13.14
CA GLN P 35 -8.84 -10.06 -12.72
C GLN P 35 -7.64 -10.55 -13.51
N GLN P 36 -7.62 -10.22 -14.80
CA GLN P 36 -6.50 -10.56 -15.67
C GLN P 36 -5.25 -9.80 -15.27
N ARG P 37 -5.41 -8.53 -14.90
CA ARG P 37 -4.29 -7.73 -14.44
C ARG P 37 -3.69 -8.31 -13.16
N GLU P 38 -4.56 -8.90 -12.33
CA GLU P 38 -4.10 -9.54 -11.10
C GLU P 38 -3.30 -10.80 -11.39
N VAL P 39 -3.72 -11.57 -12.39
CA VAL P 39 -2.95 -12.72 -12.86
C VAL P 39 -1.56 -12.26 -13.26
N TYR P 40 -1.49 -11.15 -13.97
CA TYR P 40 -0.22 -10.57 -14.39
C TYR P 40 0.61 -10.11 -13.19
N VAL P 41 -0.04 -9.44 -12.25
CA VAL P 41 0.64 -8.91 -11.06
C VAL P 41 1.31 -10.02 -10.25
N LYS P 42 0.59 -11.11 -10.02
CA LYS P 42 1.11 -12.23 -9.23
C LYS P 42 2.26 -12.93 -9.95
N GLY P 43 2.19 -12.97 -11.28
CA GLY P 43 3.29 -13.48 -12.07
C GLY P 43 4.52 -12.63 -11.80
N LEU P 44 4.33 -11.32 -11.90
CA LEU P 44 5.38 -10.34 -11.61
C LEU P 44 5.96 -10.53 -10.21
N LEU P 45 5.07 -10.71 -9.23
CA LEU P 45 5.48 -10.93 -7.85
C LEU P 45 6.32 -12.22 -7.72
N ALA P 46 5.89 -13.25 -8.43
CA ALA P 46 6.61 -14.53 -8.42
C ALA P 46 7.97 -14.33 -9.08
N LYS P 47 7.99 -13.56 -10.15
CA LYS P 47 9.23 -13.25 -10.86
C LYS P 47 10.20 -12.53 -9.94
N ILE P 48 9.68 -11.52 -9.23
CA ILE P 48 10.48 -10.73 -8.29
C ILE P 48 11.08 -11.60 -7.19
N PHE P 49 10.26 -12.48 -6.62
CA PHE P 49 10.71 -13.37 -5.55
C PHE P 49 11.86 -14.25 -6.03
N GLU P 50 11.79 -14.69 -7.28
CA GLU P 50 12.82 -15.53 -7.87
C GLU P 50 14.11 -14.75 -8.13
N LEU P 51 13.96 -13.54 -8.67
CA LEU P 51 15.10 -12.66 -8.89
C LEU P 51 15.81 -12.34 -7.57
N GLU P 52 15.04 -12.26 -6.50
CA GLU P 52 15.57 -11.87 -5.20
C GLU P 52 16.34 -12.99 -4.49
N LYS P 53 16.16 -14.23 -4.94
CA LYS P 53 16.96 -15.34 -4.42
C LYS P 53 18.38 -15.28 -4.99
N LYS P 54 18.51 -14.73 -6.18
CA LYS P 54 19.82 -14.59 -6.81
C LYS P 54 20.56 -13.43 -6.19
N THR P 55 19.81 -12.53 -5.56
CA THR P 55 20.41 -11.37 -4.91
C THR P 55 20.94 -11.76 -3.54
N GLU P 56 20.44 -12.87 -3.02
CA GLU P 56 20.94 -13.44 -1.78
C GLU P 56 22.32 -14.06 -2.00
N THR P 57 22.52 -14.62 -3.18
CA THR P 57 23.83 -15.17 -3.54
C THR P 57 24.34 -14.62 -4.89
N ALA P 58 24.91 -13.42 -4.83
CA ALA P 58 25.46 -12.74 -6.00
C ALA P 58 24.42 -12.50 -7.10
N GLY Q 1 -56.15 -2.21 -5.57
CA GLY Q 1 -56.47 -0.91 -6.14
C GLY Q 1 -56.26 -0.87 -7.64
N ALA Q 2 -56.99 0.01 -8.31
CA ALA Q 2 -56.90 0.13 -9.77
C ALA Q 2 -55.51 0.58 -10.21
N MET Q 3 -54.94 1.52 -9.45
CA MET Q 3 -53.64 2.08 -9.79
C MET Q 3 -52.53 1.33 -9.07
N GLY Q 4 -52.89 0.21 -8.46
CA GLY Q 4 -51.95 -0.59 -7.68
C GLY Q 4 -50.75 -1.12 -8.45
N SER Q 5 -51.02 -1.82 -9.55
CA SER Q 5 -49.96 -2.35 -10.40
C SER Q 5 -49.17 -1.20 -11.05
N PHE Q 6 -49.90 -0.14 -11.38
CA PHE Q 6 -49.30 1.04 -11.97
C PHE Q 6 -48.36 1.75 -11.00
N ASN Q 7 -48.84 1.95 -9.78
CA ASN Q 7 -48.05 2.58 -8.73
C ASN Q 7 -46.75 1.83 -8.44
N SER Q 8 -46.85 0.50 -8.36
CA SER Q 8 -45.70 -0.34 -8.11
C SER Q 8 -44.67 -0.11 -9.20
N SER Q 9 -45.14 -0.05 -10.44
CA SER Q 9 -44.28 0.17 -11.60
C SER Q 9 -43.49 1.46 -11.45
N ILE Q 10 -44.09 2.49 -10.87
CA ILE Q 10 -43.39 3.75 -10.61
C ILE Q 10 -42.30 3.54 -9.57
N ASN Q 11 -42.66 2.91 -8.45
CA ASN Q 11 -41.70 2.62 -7.39
C ASN Q 11 -40.49 1.86 -7.92
N ASN Q 12 -40.76 0.91 -8.80
CA ASN Q 12 -39.71 0.15 -9.46
C ASN Q 12 -38.82 1.07 -10.28
N ILE Q 13 -39.45 1.94 -11.07
CA ILE Q 13 -38.73 2.91 -11.90
C ILE Q 13 -37.90 3.85 -11.02
N HIS Q 14 -38.39 4.12 -9.81
CA HIS Q 14 -37.64 4.92 -8.84
C HIS Q 14 -36.37 4.18 -8.41
N GLU Q 15 -36.47 2.85 -8.31
CA GLU Q 15 -35.34 2.03 -7.92
C GLU Q 15 -34.26 1.99 -9.01
N MET Q 16 -34.71 1.98 -10.27
CA MET Q 16 -33.79 1.96 -11.40
C MET Q 16 -32.86 3.16 -11.35
N GLU Q 17 -33.41 4.29 -10.97
CA GLU Q 17 -32.65 5.53 -10.84
C GLU Q 17 -31.62 5.44 -9.73
N ILE Q 18 -31.97 4.74 -8.66
CA ILE Q 18 -31.02 4.51 -7.58
C ILE Q 18 -29.89 3.63 -8.10
N GLN Q 19 -30.26 2.45 -8.59
CA GLN Q 19 -29.29 1.50 -9.12
C GLN Q 19 -28.43 2.12 -10.21
N LEU Q 20 -29.00 3.02 -11.00
CA LEU Q 20 -28.24 3.75 -12.01
C LEU Q 20 -27.20 4.66 -11.37
N LYS Q 21 -27.64 5.44 -10.39
CA LYS Q 21 -26.76 6.32 -9.63
C LYS Q 21 -25.63 5.52 -8.99
N ASP Q 22 -26.00 4.38 -8.41
CA ASP Q 22 -25.03 3.49 -7.76
C ASP Q 22 -24.01 2.95 -8.74
N ALA Q 23 -24.50 2.40 -9.85
CA ALA Q 23 -23.63 1.83 -10.87
C ALA Q 23 -22.70 2.88 -11.46
N LEU Q 24 -23.20 4.10 -11.63
CA LEU Q 24 -22.43 5.16 -12.25
C LEU Q 24 -21.21 5.61 -11.43
N GLU Q 25 -21.32 5.58 -10.11
CA GLU Q 25 -20.21 6.03 -9.28
C GLU Q 25 -19.24 4.89 -9.03
N LYS Q 26 -19.76 3.67 -9.09
CA LYS Q 26 -18.92 2.48 -9.03
C LYS Q 26 -18.03 2.47 -10.26
N ASN Q 27 -18.61 2.85 -11.39
CA ASN Q 27 -17.87 2.97 -12.64
C ASN Q 27 -16.77 4.02 -12.51
N GLN Q 28 -17.04 5.08 -11.75
CA GLN Q 28 -16.04 6.08 -11.47
C GLN Q 28 -14.95 5.50 -10.57
N GLN Q 29 -15.36 4.65 -9.64
CA GLN Q 29 -14.42 3.97 -8.75
C GLN Q 29 -13.48 3.05 -9.53
N TRP Q 30 -14.03 2.40 -10.54
CA TRP Q 30 -13.23 1.54 -11.41
C TRP Q 30 -12.13 2.34 -12.14
N LEU Q 31 -12.49 3.55 -12.55
CA LEU Q 31 -11.55 4.43 -13.26
C LEU Q 31 -10.42 4.89 -12.35
N VAL Q 32 -10.76 5.17 -11.10
CA VAL Q 32 -9.79 5.58 -10.10
C VAL Q 32 -8.91 4.39 -9.73
N TYR Q 33 -9.54 3.23 -9.64
CA TYR Q 33 -8.84 1.99 -9.30
C TYR Q 33 -7.88 1.58 -10.40
N ASP Q 34 -8.28 1.78 -11.65
CA ASP Q 34 -7.45 1.45 -12.80
C ASP Q 34 -6.15 2.25 -12.78
N GLN Q 35 -6.26 3.54 -12.44
CA GLN Q 35 -5.11 4.41 -12.38
C GLN Q 35 -4.15 3.94 -11.29
N GLN Q 36 -4.70 3.70 -10.10
CA GLN Q 36 -3.92 3.25 -8.96
C GLN Q 36 -3.13 1.98 -9.24
N ARG Q 37 -3.75 1.03 -9.93
CA ARG Q 37 -3.09 -0.25 -10.15
C ARG Q 37 -2.15 -0.27 -11.36
N GLU Q 38 -2.35 0.67 -12.28
CA GLU Q 38 -1.38 0.84 -13.38
C GLU Q 38 -0.06 1.37 -12.81
N VAL Q 39 -0.16 2.21 -11.78
CA VAL Q 39 1.02 2.68 -11.07
C VAL Q 39 1.70 1.51 -10.36
N TYR Q 40 0.88 0.61 -9.82
CA TYR Q 40 1.39 -0.54 -9.08
C TYR Q 40 2.15 -1.51 -9.99
N VAL Q 41 1.57 -1.79 -11.15
CA VAL Q 41 2.20 -2.69 -12.13
C VAL Q 41 3.52 -2.14 -12.62
N LYS Q 42 3.56 -0.83 -12.87
CA LYS Q 42 4.78 -0.17 -13.34
C LYS Q 42 5.86 -0.16 -12.26
N GLY Q 43 5.43 -0.09 -11.00
CA GLY Q 43 6.39 -0.11 -9.90
C GLY Q 43 7.06 -1.47 -9.80
N LEU Q 44 6.26 -2.52 -10.00
CA LEU Q 44 6.77 -3.89 -9.97
C LEU Q 44 7.69 -4.14 -11.16
N LEU Q 45 7.25 -3.70 -12.34
CA LEU Q 45 8.07 -3.77 -13.54
C LEU Q 45 9.41 -3.10 -13.30
N ALA Q 46 9.37 -1.93 -12.67
CA ALA Q 46 10.57 -1.18 -12.34
C ALA Q 46 11.48 -1.95 -11.38
N LYS Q 47 10.86 -2.65 -10.42
CA LYS Q 47 11.60 -3.46 -9.46
C LYS Q 47 12.33 -4.60 -10.17
N ILE Q 48 11.64 -5.24 -11.10
CA ILE Q 48 12.21 -6.33 -11.90
C ILE Q 48 13.37 -5.83 -12.73
N PHE Q 49 13.17 -4.67 -13.36
CA PHE Q 49 14.22 -3.98 -14.11
C PHE Q 49 15.47 -3.83 -13.24
N GLU Q 50 15.30 -3.25 -12.06
CA GLU Q 50 16.40 -3.10 -11.12
C GLU Q 50 17.06 -4.44 -10.79
N LEU Q 51 16.23 -5.41 -10.43
CA LEU Q 51 16.71 -6.72 -10.03
C LEU Q 51 17.50 -7.42 -11.13
N GLU Q 52 17.09 -7.19 -12.38
CA GLU Q 52 17.75 -7.82 -13.51
C GLU Q 52 19.15 -7.26 -13.78
N LYS Q 53 19.37 -5.99 -13.45
CA LYS Q 53 20.69 -5.38 -13.64
C LYS Q 53 21.65 -5.87 -12.58
N LYS Q 54 21.12 -6.03 -11.38
CA LYS Q 54 21.90 -6.38 -10.22
C LYS Q 54 22.32 -7.84 -10.25
N THR Q 55 21.37 -8.71 -10.63
CA THR Q 55 21.65 -10.13 -10.74
C THR Q 55 22.26 -10.45 -12.11
N GLU Q 56 22.30 -9.45 -12.98
CA GLU Q 56 22.83 -9.58 -14.33
C GLU Q 56 22.17 -10.71 -15.11
N THR Q 57 20.86 -10.86 -14.96
CA THR Q 57 20.13 -11.92 -15.65
C THR Q 57 19.39 -11.41 -16.88
N ALA Q 58 19.40 -10.09 -17.07
CA ALA Q 58 18.83 -9.48 -18.26
C ALA Q 58 19.46 -8.14 -18.53
N ALA Q 59 19.38 -7.68 -19.78
CA ALA Q 59 20.01 -6.44 -20.18
C ALA Q 59 19.05 -5.58 -20.98
N HIS Q 60 19.34 -4.29 -21.10
CA HIS Q 60 18.53 -3.45 -21.97
C HIS Q 60 19.36 -2.64 -22.98
N SER Q 61 19.68 -3.28 -24.10
CA SER Q 61 20.44 -2.64 -25.16
C SER Q 61 19.53 -2.25 -26.31
N LEU Q 62 20.11 -2.12 -27.50
CA LEU Q 62 19.35 -1.79 -28.72
C LEU Q 62 20.06 -2.20 -30.01
N GLN R 2 -22.10 8.55 -19.75
CA GLN R 2 -20.65 8.65 -19.90
C GLN R 2 -19.92 7.65 -19.02
N ALA R 3 -20.56 6.51 -18.75
CA ALA R 3 -19.87 5.39 -18.13
C ALA R 3 -18.84 4.88 -19.13
N GLN R 4 -17.69 4.43 -18.65
CA GLN R 4 -16.64 3.93 -19.54
C GLN R 4 -16.26 2.50 -19.19
N GLY R 5 -15.87 1.75 -20.21
CA GLY R 5 -15.36 0.41 -19.99
C GLY R 5 -13.85 0.44 -19.95
N PRO R 6 -13.23 -0.74 -19.89
CA PRO R 6 -11.77 -0.86 -19.96
C PRO R 6 -11.30 -0.37 -21.32
N PRO R 7 -10.03 0.03 -21.44
CA PRO R 7 -9.51 0.43 -22.76
C PRO R 7 -9.69 -0.67 -23.81
N TYR R 8 -9.65 -1.92 -23.38
CA TYR R 8 -9.97 -3.06 -24.25
C TYR R 8 -10.43 -4.25 -23.39
N PRO R 9 -11.17 -5.19 -24.01
CA PRO R 9 -11.70 -6.34 -23.26
C PRO R 9 -10.64 -7.16 -22.55
N THR R 10 -9.43 -7.20 -23.11
CA THR R 10 -8.35 -8.02 -22.59
C THR R 10 -7.24 -7.17 -22.02
N TYR R 11 -6.76 -7.51 -20.83
CA TYR R 11 -5.72 -6.72 -20.20
C TYR R 11 -4.37 -6.85 -20.91
N ILE R 12 -3.72 -5.71 -21.14
CA ILE R 12 -2.42 -5.67 -21.77
C ILE R 12 -1.48 -4.80 -20.94
N PRO R 13 -0.40 -5.40 -20.40
CA PRO R 13 0.53 -4.72 -19.51
C PRO R 13 1.19 -3.53 -20.17
N PRO R 14 1.59 -2.51 -19.38
CA PRO R 14 2.23 -1.30 -19.90
C PRO R 14 3.51 -1.62 -20.66
#